data_7OSY
#
_entry.id   7OSY
#
_cell.length_a   69.890
_cell.length_b   88.404
_cell.length_c   83.745
_cell.angle_alpha   90.000
_cell.angle_beta   110.200
_cell.angle_gamma   90.000
#
_symmetry.space_group_name_H-M   'P 1 21 1'
#
loop_
_entity.id
_entity.type
_entity.pdbx_description
1 polymer 'Bifunctional glutamate/proline--tRNA ligase'
2 non-polymer PROLINE
3 non-polymer 'ZINC ION'
4 non-polymer 'STRONTIUM ION'
5 water water
#
_entity_poly.entity_id   1
_entity_poly.type   'polypeptide(L)'
_entity_poly.pdbx_seq_one_letter_code
;GAGEGQGPKKQTRLGLEAKKEENLADWYSQVITKSEMIEYHDISGCYILRPWAYAIWEAIKDFFDAEIKKLGVENCYFPM
FVSQSALEKEKTHVADFAPEVAWVTRSGKTELAEPIAIRPTSETVMYPAYAKWVQSHRDLPIKLNQWCNVVRWEFKHPQP
FLRTREFLWQEGHSAFATMEEAAEEVLQILDLYAQVYEELLAIPVVKGRKTEKEKFAGGDYTTTIEAFISASGRAIQGGT
SHHLGQNFSKMFEIVFEDPKIPGEKQFAYQNSWGLTTRTIGVMTMVHGDNMGLVLPPRVACVQVVIIPCGITNALSEEDK
EALIAKCNDYRRRLLSVNIRVRADLRDNYSPGWKFNHWELKGVPIRLEVGPRDMKSCQFVAVRRDTGEKLTVAENEAETK
LQAILEDIQVTLFTRASEDLKTHMVVANTMEDFQKILDSGKIVQIPFCGEIDCEDWIKKTTARDQDLEPGAPSMGAKSLC
IPFKPLCELQPGAKCVCGKNPAKYYTLFGRSY
;
_entity_poly.pdbx_strand_id   A,B
#
# COMPACT_ATOMS: atom_id res chain seq x y z
N LEU A 16 -6.90 31.75 4.67
CA LEU A 16 -8.24 31.17 4.60
C LEU A 16 -9.29 32.27 4.59
N GLU A 17 -9.99 32.42 3.47
CA GLU A 17 -10.97 33.49 3.28
C GLU A 17 -12.41 33.02 3.46
N ALA A 18 -12.77 31.89 2.89
CA ALA A 18 -14.14 31.40 2.96
C ALA A 18 -14.49 30.96 4.39
N LYS A 19 -15.77 31.06 4.72
CA LYS A 19 -16.27 30.64 6.01
C LYS A 19 -17.07 29.35 5.87
N LYS A 20 -16.97 28.50 6.89
CA LYS A 20 -17.58 27.17 6.82
C LYS A 20 -19.10 27.25 6.83
N GLU A 21 -19.66 27.99 7.79
CA GLU A 21 -21.11 28.07 7.91
C GLU A 21 -21.78 28.83 6.77
N GLU A 22 -21.00 29.41 5.85
CA GLU A 22 -21.55 30.13 4.71
C GLU A 22 -21.47 29.28 3.46
N ASN A 23 -20.33 29.37 2.75
CA ASN A 23 -20.09 28.59 1.53
C ASN A 23 -19.18 27.43 1.90
N LEU A 24 -19.78 26.26 2.14
CA LEU A 24 -19.00 25.10 2.57
C LEU A 24 -18.05 24.61 1.49
N ALA A 25 -18.42 24.78 0.22
CA ALA A 25 -17.58 24.27 -0.87
C ALA A 25 -16.26 25.02 -0.94
N ASP A 26 -16.30 26.36 -0.91
CA ASP A 26 -15.07 27.14 -0.96
C ASP A 26 -14.24 26.95 0.30
N TRP A 27 -14.90 26.82 1.45
CA TRP A 27 -14.17 26.56 2.69
C TRP A 27 -13.46 25.22 2.64
N TYR A 28 -14.14 24.18 2.14
CA TYR A 28 -13.55 22.85 2.10
C TYR A 28 -12.35 22.80 1.16
N SER A 29 -12.42 23.51 0.03
CA SER A 29 -11.31 23.50 -0.92
C SER A 29 -10.09 24.21 -0.35
N GLN A 30 -10.31 25.31 0.37
CA GLN A 30 -9.19 26.04 0.95
C GLN A 30 -8.57 25.28 2.12
N VAL A 31 -9.39 24.58 2.91
CA VAL A 31 -8.88 23.87 4.07
C VAL A 31 -7.99 22.72 3.64
N ILE A 32 -8.41 21.95 2.63
CA ILE A 32 -7.65 20.76 2.25
C ILE A 32 -6.35 21.14 1.55
N THR A 33 -6.33 22.27 0.84
CA THR A 33 -5.15 22.68 0.10
C THR A 33 -4.17 23.46 0.97
N LYS A 34 -4.66 24.46 1.71
CA LYS A 34 -3.77 25.25 2.54
C LYS A 34 -3.21 24.48 3.71
N SER A 35 -3.86 23.39 4.13
CA SER A 35 -3.29 22.48 5.10
C SER A 35 -2.30 21.50 4.48
N GLU A 36 -2.12 21.55 3.16
CA GLU A 36 -1.18 20.69 2.44
C GLU A 36 -1.60 19.22 2.50
N MET A 37 -2.91 18.98 2.52
CA MET A 37 -3.44 17.61 2.44
C MET A 37 -3.63 17.17 0.99
N ILE A 38 -4.16 18.06 0.16
CA ILE A 38 -4.64 17.71 -1.18
C ILE A 38 -4.04 18.67 -2.20
N GLU A 39 -3.62 18.12 -3.33
CA GLU A 39 -3.32 18.89 -4.52
C GLU A 39 -4.19 18.40 -5.67
N TYR A 40 -4.60 19.32 -6.53
CA TYR A 40 -5.46 18.97 -7.65
C TYR A 40 -4.66 18.42 -8.82
N HIS A 41 -5.29 17.52 -9.57
CA HIS A 41 -4.66 16.85 -10.70
C HIS A 41 -5.36 17.26 -11.99
N ASP A 42 -4.67 17.06 -13.11
CA ASP A 42 -5.24 17.42 -14.41
C ASP A 42 -6.41 16.52 -14.80
N ILE A 43 -6.52 15.33 -14.22
CA ILE A 43 -7.62 14.42 -14.49
C ILE A 43 -8.75 14.73 -13.51
N SER A 44 -9.93 15.05 -14.05
CA SER A 44 -11.06 15.41 -13.21
C SER A 44 -11.44 14.26 -12.30
N GLY A 45 -11.69 14.58 -11.03
CA GLY A 45 -12.00 13.58 -10.03
C GLY A 45 -10.81 12.90 -9.40
N CYS A 46 -9.59 13.25 -9.82
CA CYS A 46 -8.37 12.66 -9.27
C CYS A 46 -7.64 13.71 -8.44
N TYR A 47 -7.17 13.30 -7.26
CA TYR A 47 -6.56 14.23 -6.32
C TYR A 47 -5.29 13.62 -5.74
N ILE A 48 -4.31 14.47 -5.51
CA ILE A 48 -3.02 14.04 -4.96
C ILE A 48 -3.14 13.98 -3.44
N LEU A 49 -2.71 12.86 -2.86
CA LEU A 49 -2.68 12.69 -1.42
C LEU A 49 -1.30 13.08 -0.92
N ARG A 50 -1.16 14.31 -0.44
CA ARG A 50 0.11 14.80 0.06
C ARG A 50 0.44 14.15 1.41
N PRO A 51 1.70 14.25 1.85
CA PRO A 51 2.09 13.54 3.09
C PRO A 51 1.22 13.83 4.31
N TRP A 52 0.77 15.08 4.47
CA TRP A 52 -0.02 15.41 5.66
C TRP A 52 -1.32 14.61 5.71
N ALA A 53 -1.95 14.39 4.55
CA ALA A 53 -3.16 13.58 4.51
C ALA A 53 -2.83 12.09 4.48
N TYR A 54 -1.73 11.72 3.81
CA TYR A 54 -1.38 10.31 3.72
C TYR A 54 -1.03 9.73 5.09
N ALA A 55 -0.45 10.54 5.97
CA ALA A 55 -0.13 10.06 7.31
C ALA A 55 -1.40 9.72 8.11
N ILE A 56 -2.50 10.41 7.85
CA ILE A 56 -3.76 10.08 8.50
C ILE A 56 -4.25 8.72 8.02
N TRP A 57 -4.13 8.45 6.73
CA TRP A 57 -4.51 7.15 6.19
C TRP A 57 -3.63 6.04 6.77
N GLU A 58 -2.35 6.33 7.00
CA GLU A 58 -1.46 5.34 7.60
C GLU A 58 -1.84 5.05 9.04
N ALA A 59 -2.30 6.07 9.78
CA ALA A 59 -2.75 5.85 11.15
C ALA A 59 -4.00 4.98 11.17
N ILE A 60 -4.92 5.20 10.22
CA ILE A 60 -6.06 4.32 10.06
C ILE A 60 -5.61 2.93 9.66
N LYS A 61 -4.65 2.84 8.74
CA LYS A 61 -4.18 1.54 8.26
C LYS A 61 -3.51 0.75 9.38
N ASP A 62 -2.77 1.42 10.26
CA ASP A 62 -2.08 0.72 11.33
C ASP A 62 -3.07 0.15 12.35
N PHE A 63 -4.13 0.89 12.65
CA PHE A 63 -5.13 0.38 13.59
C PHE A 63 -5.93 -0.76 12.99
N PHE A 64 -6.48 -0.55 11.79
CA PHE A 64 -7.36 -1.56 11.19
C PHE A 64 -6.61 -2.84 10.84
N ASP A 65 -5.36 -2.71 10.37
CA ASP A 65 -4.59 -3.89 10.01
C ASP A 65 -4.33 -4.77 11.22
N ALA A 66 -3.96 -4.16 12.35
CA ALA A 66 -3.69 -4.92 13.56
C ALA A 66 -4.95 -5.57 14.11
N GLU A 67 -6.12 -4.97 13.88
CA GLU A 67 -7.35 -5.54 14.41
C GLU A 67 -7.81 -6.74 13.60
N ILE A 68 -7.77 -6.64 12.26
CA ILE A 68 -8.24 -7.76 11.45
C ILE A 68 -7.28 -8.93 11.47
N LYS A 69 -5.99 -8.69 11.77
CA LYS A 69 -5.06 -9.80 11.92
C LYS A 69 -5.35 -10.61 13.17
N LYS A 70 -5.96 -10.00 14.18
CA LYS A 70 -6.43 -10.76 15.33
C LYS A 70 -7.58 -11.70 14.94
N LEU A 71 -8.34 -11.32 13.91
CA LEU A 71 -9.43 -12.15 13.41
C LEU A 71 -8.97 -13.18 12.39
N GLY A 72 -7.67 -13.24 12.11
CA GLY A 72 -7.14 -14.21 11.17
C GLY A 72 -7.04 -13.73 9.73
N VAL A 73 -7.28 -12.44 9.48
CA VAL A 73 -7.21 -11.91 8.12
C VAL A 73 -5.76 -11.66 7.75
N GLU A 74 -5.41 -11.98 6.51
CA GLU A 74 -4.05 -11.81 6.00
C GLU A 74 -4.07 -10.86 4.80
N ASN A 75 -3.01 -10.08 4.67
CA ASN A 75 -2.89 -9.12 3.58
C ASN A 75 -2.32 -9.77 2.33
N CYS A 76 -2.80 -9.32 1.18
CA CYS A 76 -2.37 -9.85 -0.11
C CYS A 76 -2.49 -8.72 -1.14
N TYR A 77 -2.27 -9.06 -2.40
CA TYR A 77 -2.54 -8.13 -3.49
C TYR A 77 -2.92 -8.89 -4.73
N PHE A 78 -4.11 -8.60 -5.26
CA PHE A 78 -4.64 -9.15 -6.49
C PHE A 78 -4.49 -8.16 -7.63
N PRO A 79 -4.47 -8.63 -8.88
CA PRO A 79 -4.32 -7.71 -10.01
C PRO A 79 -5.47 -6.72 -10.09
N MET A 80 -5.19 -5.57 -10.71
CA MET A 80 -6.18 -4.51 -10.86
C MET A 80 -7.02 -4.65 -12.12
N PHE A 81 -6.65 -5.54 -13.03
CA PHE A 81 -7.35 -5.69 -14.30
C PHE A 81 -8.32 -6.86 -14.25
N VAL A 82 -9.50 -6.66 -14.84
CA VAL A 82 -10.54 -7.68 -14.93
C VAL A 82 -10.79 -7.98 -16.40
N SER A 83 -10.81 -9.26 -16.75
CA SER A 83 -11.08 -9.65 -18.13
C SER A 83 -12.54 -9.45 -18.47
N GLN A 84 -12.80 -9.25 -19.77
CA GLN A 84 -14.18 -9.07 -20.22
C GLN A 84 -15.03 -10.30 -19.94
N SER A 85 -14.43 -11.48 -20.01
CA SER A 85 -15.18 -12.71 -19.72
C SER A 85 -15.51 -12.84 -18.24
N ALA A 86 -14.63 -12.36 -17.36
CA ALA A 86 -14.87 -12.51 -15.93
C ALA A 86 -15.99 -11.59 -15.46
N LEU A 87 -16.13 -10.41 -16.06
CA LEU A 87 -17.20 -9.49 -15.64
C LEU A 87 -18.57 -10.02 -16.04
N GLU A 88 -18.68 -10.72 -17.17
CA GLU A 88 -19.93 -11.32 -17.59
C GLU A 88 -20.27 -12.60 -16.84
N LYS A 89 -19.69 -12.80 -15.66
CA LYS A 89 -20.01 -13.96 -14.84
C LYS A 89 -21.32 -13.74 -14.11
N GLU A 90 -21.27 -13.11 -12.94
CA GLU A 90 -22.49 -12.78 -12.20
C GLU A 90 -23.27 -11.71 -12.95
N LYS A 91 -24.51 -12.02 -13.32
CA LYS A 91 -25.32 -11.08 -14.09
C LYS A 91 -25.74 -9.88 -13.24
N THR A 92 -25.94 -10.08 -11.94
CA THR A 92 -26.36 -8.98 -11.08
C THR A 92 -25.20 -8.05 -10.76
N HIS A 93 -23.98 -8.58 -10.63
CA HIS A 93 -22.84 -7.75 -10.29
C HIS A 93 -22.38 -6.90 -11.48
N VAL A 94 -22.62 -7.38 -12.70
CA VAL A 94 -22.15 -6.65 -13.88
C VAL A 94 -23.11 -5.54 -14.27
N ALA A 95 -24.40 -5.70 -13.99
CA ALA A 95 -25.40 -4.71 -14.41
C ALA A 95 -25.22 -3.41 -13.65
N ASP A 96 -25.28 -3.47 -12.31
CA ASP A 96 -25.18 -2.30 -11.46
C ASP A 96 -23.74 -1.79 -11.32
N PHE A 97 -22.84 -2.20 -12.20
CA PHE A 97 -21.45 -1.76 -12.15
C PHE A 97 -20.83 -1.46 -13.51
N ALA A 98 -21.43 -1.91 -14.62
CA ALA A 98 -20.82 -1.70 -15.93
C ALA A 98 -20.60 -0.23 -16.27
N PRO A 99 -21.57 0.67 -16.11
CA PRO A 99 -21.28 2.09 -16.40
C PRO A 99 -20.29 2.73 -15.46
N GLU A 100 -19.88 2.03 -14.39
CA GLU A 100 -18.92 2.53 -13.43
C GLU A 100 -17.53 1.92 -13.63
N VAL A 101 -17.25 1.39 -14.82
CA VAL A 101 -16.02 0.66 -15.08
C VAL A 101 -15.31 1.30 -16.27
N ALA A 102 -14.01 1.57 -16.10
CA ALA A 102 -13.17 2.09 -17.16
C ALA A 102 -12.44 0.94 -17.85
N TRP A 103 -12.44 0.92 -19.17
CA TRP A 103 -11.89 -0.16 -19.97
C TRP A 103 -10.58 0.28 -20.62
N VAL A 104 -9.56 -0.57 -20.54
CA VAL A 104 -8.31 -0.41 -21.26
C VAL A 104 -8.39 -1.25 -22.52
N THR A 105 -8.26 -0.60 -23.68
CA THR A 105 -8.43 -1.28 -24.96
C THR A 105 -7.20 -1.33 -25.84
N ARG A 106 -6.16 -0.56 -25.52
CA ARG A 106 -4.97 -0.54 -26.37
C ARG A 106 -3.74 -0.20 -25.56
N SER A 107 -2.59 -0.67 -26.04
CA SER A 107 -1.29 -0.40 -25.46
C SER A 107 -0.47 0.37 -26.49
N GLY A 108 -0.32 1.67 -26.26
CA GLY A 108 0.33 2.52 -27.24
C GLY A 108 -0.50 2.63 -28.50
N LYS A 109 0.07 2.21 -29.63
CA LYS A 109 -0.64 2.19 -30.91
C LYS A 109 -1.09 0.79 -31.30
N THR A 110 -1.22 -0.11 -30.33
CA THR A 110 -1.59 -1.50 -30.59
C THR A 110 -2.81 -1.87 -29.76
N GLU A 111 -3.88 -2.28 -30.43
CA GLU A 111 -5.07 -2.72 -29.72
C GLU A 111 -4.82 -4.04 -29.01
N LEU A 112 -5.38 -4.17 -27.82
CA LEU A 112 -5.20 -5.39 -27.03
C LEU A 112 -6.02 -6.53 -27.61
N ALA A 113 -5.78 -7.73 -27.07
CA ALA A 113 -6.55 -8.90 -27.50
C ALA A 113 -8.02 -8.72 -27.18
N GLU A 114 -8.34 -8.53 -25.90
CA GLU A 114 -9.70 -8.24 -25.46
C GLU A 114 -9.68 -7.09 -24.47
N PRO A 115 -10.72 -6.24 -24.48
CA PRO A 115 -10.75 -5.10 -23.56
C PRO A 115 -10.75 -5.56 -22.12
N ILE A 116 -9.80 -5.04 -21.34
CA ILE A 116 -9.70 -5.36 -19.92
C ILE A 116 -10.20 -4.18 -19.12
N ALA A 117 -10.66 -4.45 -17.90
CA ALA A 117 -11.34 -3.48 -17.07
C ALA A 117 -10.51 -3.15 -15.84
N ILE A 118 -10.54 -1.90 -15.41
CA ILE A 118 -9.94 -1.50 -14.15
C ILE A 118 -10.91 -1.81 -13.03
N ARG A 119 -10.41 -2.40 -11.95
CA ARG A 119 -11.25 -2.90 -10.88
C ARG A 119 -12.06 -1.78 -10.22
N PRO A 120 -13.39 -1.83 -10.26
CA PRO A 120 -14.18 -1.03 -9.31
C PRO A 120 -14.31 -1.72 -7.96
N THR A 121 -14.01 -3.01 -7.92
CA THR A 121 -14.01 -3.88 -6.76
C THR A 121 -13.44 -5.21 -7.22
N SER A 122 -12.94 -6.01 -6.26
CA SER A 122 -12.13 -7.17 -6.60
C SER A 122 -12.88 -8.50 -6.43
N GLU A 123 -14.21 -8.48 -6.40
CA GLU A 123 -14.97 -9.72 -6.30
C GLU A 123 -14.67 -10.63 -7.49
N THR A 124 -14.77 -10.09 -8.71
CA THR A 124 -14.57 -10.90 -9.90
C THR A 124 -13.11 -11.30 -10.11
N VAL A 125 -12.18 -10.63 -9.43
CA VAL A 125 -10.76 -10.97 -9.57
C VAL A 125 -10.36 -12.07 -8.61
N MET A 126 -10.83 -12.01 -7.37
CA MET A 126 -10.37 -12.94 -6.33
C MET A 126 -11.12 -14.26 -6.36
N TYR A 127 -12.41 -14.23 -6.65
CA TYR A 127 -13.28 -15.39 -6.42
C TYR A 127 -13.00 -16.54 -7.39
N PRO A 128 -12.57 -16.30 -8.64
CA PRO A 128 -12.04 -17.43 -9.42
C PRO A 128 -10.84 -18.08 -8.75
N ALA A 129 -9.97 -17.29 -8.11
CA ALA A 129 -8.87 -17.89 -7.36
C ALA A 129 -9.35 -18.58 -6.10
N TYR A 130 -10.40 -18.06 -5.47
CA TYR A 130 -10.97 -18.72 -4.30
C TYR A 130 -11.49 -20.11 -4.65
N ALA A 131 -12.12 -20.25 -5.81
CA ALA A 131 -12.64 -21.55 -6.23
C ALA A 131 -11.52 -22.57 -6.40
N LYS A 132 -10.34 -22.14 -6.83
CA LYS A 132 -9.23 -23.06 -6.97
C LYS A 132 -8.59 -23.40 -5.62
N TRP A 133 -8.61 -22.47 -4.67
CA TRP A 133 -8.00 -22.70 -3.37
C TRP A 133 -8.89 -23.50 -2.43
N VAL A 134 -10.20 -23.51 -2.65
CA VAL A 134 -11.14 -24.17 -1.77
C VAL A 134 -11.55 -25.49 -2.42
N GLN A 135 -11.15 -26.60 -1.80
CA GLN A 135 -11.53 -27.92 -2.30
C GLN A 135 -12.03 -28.78 -1.15
N SER A 136 -11.43 -28.59 0.02
CA SER A 136 -11.77 -29.35 1.21
C SER A 136 -12.22 -28.40 2.33
N HIS A 137 -12.91 -28.98 3.31
CA HIS A 137 -13.37 -28.19 4.46
C HIS A 137 -12.22 -27.65 5.29
N ARG A 138 -11.03 -28.27 5.21
CA ARG A 138 -9.88 -27.74 5.93
C ARG A 138 -9.40 -26.44 5.32
N ASP A 139 -9.67 -26.22 4.03
CA ASP A 139 -9.25 -24.99 3.35
C ASP A 139 -10.02 -23.76 3.81
N LEU A 140 -11.00 -23.92 4.69
CA LEU A 140 -11.80 -22.81 5.18
C LEU A 140 -11.52 -22.55 6.65
N PRO A 141 -11.66 -21.30 7.13
CA PRO A 141 -12.07 -20.14 6.34
C PRO A 141 -10.92 -19.42 5.64
N ILE A 142 -11.21 -18.82 4.49
CA ILE A 142 -10.28 -17.95 3.79
C ILE A 142 -10.60 -16.51 4.18
N LYS A 143 -9.60 -15.75 4.61
CA LYS A 143 -9.78 -14.35 5.01
C LYS A 143 -8.61 -13.56 4.45
N LEU A 144 -8.87 -12.83 3.36
CA LEU A 144 -7.83 -12.06 2.68
C LEU A 144 -8.22 -10.59 2.62
N ASN A 145 -7.22 -9.73 2.68
CA ASN A 145 -7.41 -8.29 2.63
C ASN A 145 -6.31 -7.67 1.79
N GLN A 146 -6.62 -6.52 1.17
CA GLN A 146 -5.62 -5.81 0.40
C GLN A 146 -5.85 -4.31 0.52
N TRP A 147 -4.75 -3.57 0.64
CA TRP A 147 -4.76 -2.11 0.59
C TRP A 147 -4.34 -1.70 -0.81
N CYS A 148 -5.25 -1.07 -1.55
CA CYS A 148 -5.00 -0.77 -2.96
C CYS A 148 -5.85 0.42 -3.37
N ASN A 149 -5.72 0.80 -4.64
CA ASN A 149 -6.53 1.84 -5.25
C ASN A 149 -7.62 1.21 -6.09
N VAL A 150 -8.69 1.96 -6.29
CA VAL A 150 -9.85 1.49 -7.03
C VAL A 150 -10.40 2.65 -7.87
N VAL A 151 -10.70 2.36 -9.13
CA VAL A 151 -11.25 3.36 -10.04
C VAL A 151 -12.75 3.10 -10.17
N ARG A 152 -13.55 4.01 -9.64
CA ARG A 152 -15.00 3.94 -9.76
C ARG A 152 -15.45 5.14 -10.60
N TRP A 153 -15.51 4.93 -11.91
CA TRP A 153 -16.06 5.96 -12.80
C TRP A 153 -17.50 6.24 -12.42
N GLU A 154 -17.88 7.50 -12.47
CA GLU A 154 -19.24 7.89 -12.13
C GLU A 154 -19.60 9.14 -12.91
N PHE A 155 -20.78 9.70 -12.62
CA PHE A 155 -21.29 10.85 -13.33
C PHE A 155 -21.61 12.02 -12.41
N LYS A 156 -21.36 11.90 -11.11
CA LYS A 156 -21.75 12.93 -10.16
C LYS A 156 -20.70 14.03 -10.08
N HIS A 157 -20.76 14.85 -9.03
CA HIS A 157 -19.82 15.93 -8.82
C HIS A 157 -18.68 15.43 -7.95
N PRO A 158 -17.47 15.27 -8.49
CA PRO A 158 -16.36 14.80 -7.66
C PRO A 158 -15.98 15.79 -6.57
N GLN A 159 -15.62 15.26 -5.41
CA GLN A 159 -15.15 16.04 -4.27
C GLN A 159 -13.97 15.30 -3.67
N PRO A 160 -12.91 16.01 -3.29
CA PRO A 160 -11.76 15.35 -2.68
C PRO A 160 -12.17 14.54 -1.46
N PHE A 161 -11.62 13.32 -1.37
CA PHE A 161 -11.95 12.33 -0.35
C PHE A 161 -13.39 11.83 -0.49
N LEU A 162 -14.36 12.75 -0.49
CA LEU A 162 -15.77 12.37 -0.40
C LEU A 162 -16.19 11.53 -1.59
N ARG A 163 -16.11 12.10 -2.79
CA ARG A 163 -16.49 11.40 -4.02
C ARG A 163 -15.36 11.58 -5.04
N THR A 164 -14.55 10.54 -5.21
CA THR A 164 -13.41 10.59 -6.12
C THR A 164 -13.48 9.41 -7.08
N ARG A 165 -13.03 9.64 -8.32
CA ARG A 165 -13.00 8.58 -9.31
C ARG A 165 -11.90 7.57 -9.05
N GLU A 166 -10.86 7.95 -8.31
CA GLU A 166 -9.86 7.02 -7.81
C GLU A 166 -9.68 7.28 -6.32
N PHE A 167 -9.67 6.21 -5.53
CA PHE A 167 -9.47 6.37 -4.10
C PHE A 167 -8.73 5.15 -3.56
N LEU A 168 -8.06 5.36 -2.43
CA LEU A 168 -7.41 4.27 -1.71
C LEU A 168 -8.41 3.66 -0.73
N TRP A 169 -8.28 2.36 -0.52
CA TRP A 169 -9.16 1.67 0.42
C TRP A 169 -8.51 0.36 0.83
N GLN A 170 -9.16 -0.33 1.75
CA GLN A 170 -8.95 -1.75 1.97
C GLN A 170 -10.22 -2.50 1.57
N GLU A 171 -10.04 -3.72 1.08
CA GLU A 171 -11.18 -4.59 0.80
C GLU A 171 -10.86 -5.97 1.31
N GLY A 172 -11.63 -6.44 2.29
CA GLY A 172 -11.49 -7.77 2.83
C GLY A 172 -12.55 -8.69 2.24
N HIS A 173 -12.14 -9.90 1.89
CA HIS A 173 -13.03 -10.89 1.31
C HIS A 173 -12.83 -12.21 2.05
N SER A 174 -13.89 -12.70 2.68
CA SER A 174 -13.83 -13.89 3.50
C SER A 174 -14.84 -14.92 3.00
N ALA A 175 -14.45 -16.18 3.01
CA ALA A 175 -15.33 -17.30 2.70
C ALA A 175 -15.39 -18.23 3.90
N PHE A 176 -16.59 -18.70 4.22
CA PHE A 176 -16.82 -19.54 5.39
C PHE A 176 -17.55 -20.80 5.00
N ALA A 177 -17.43 -21.82 5.87
CA ALA A 177 -18.14 -23.07 5.68
C ALA A 177 -19.58 -23.02 6.15
N THR A 178 -19.92 -22.05 6.99
CA THR A 178 -21.27 -21.90 7.53
C THR A 178 -21.71 -20.45 7.40
N MET A 179 -23.03 -20.25 7.34
CA MET A 179 -23.55 -18.89 7.31
C MET A 179 -23.50 -18.23 8.68
N GLU A 180 -23.47 -19.02 9.75
CA GLU A 180 -23.42 -18.47 11.10
C GLU A 180 -22.15 -17.66 11.32
N GLU A 181 -20.99 -18.25 11.01
CA GLU A 181 -19.73 -17.54 11.20
C GLU A 181 -19.57 -16.40 10.21
N ALA A 182 -20.10 -16.56 8.99
CA ALA A 182 -20.07 -15.47 8.03
C ALA A 182 -20.89 -14.29 8.50
N ALA A 183 -22.04 -14.56 9.12
CA ALA A 183 -22.90 -13.48 9.61
C ALA A 183 -22.25 -12.73 10.77
N GLU A 184 -21.47 -13.42 11.60
CA GLU A 184 -20.86 -12.76 12.74
C GLU A 184 -19.65 -11.91 12.33
N GLU A 185 -18.98 -12.24 11.22
CA GLU A 185 -17.88 -11.41 10.77
C GLU A 185 -18.39 -10.10 10.17
N VAL A 186 -19.59 -10.12 9.59
CA VAL A 186 -20.15 -8.89 9.02
C VAL A 186 -20.28 -7.82 10.10
N LEU A 187 -20.82 -8.19 11.25
CA LEU A 187 -20.98 -7.23 12.35
C LEU A 187 -19.67 -6.93 13.04
N GLN A 188 -18.75 -7.90 13.11
CA GLN A 188 -17.45 -7.64 13.72
C GLN A 188 -16.69 -6.57 12.94
N ILE A 189 -16.64 -6.71 11.61
CA ILE A 189 -15.94 -5.72 10.79
C ILE A 189 -16.65 -4.38 10.85
N LEU A 190 -17.99 -4.40 10.82
CA LEU A 190 -18.75 -3.16 10.95
C LEU A 190 -18.45 -2.47 12.27
N ASP A 191 -18.21 -3.24 13.33
CA ASP A 191 -17.84 -2.62 14.61
C ASP A 191 -16.44 -2.05 14.58
N LEU A 192 -15.52 -2.68 13.81
CA LEU A 192 -14.20 -2.09 13.62
C LEU A 192 -14.29 -0.77 12.87
N TYR A 193 -15.15 -0.71 11.84
CA TYR A 193 -15.37 0.54 11.14
C TYR A 193 -15.90 1.61 12.08
N ALA A 194 -16.80 1.23 12.99
CA ALA A 194 -17.31 2.18 13.97
C ALA A 194 -16.20 2.69 14.88
N GLN A 195 -15.26 1.81 15.26
CA GLN A 195 -14.15 2.24 16.09
C GLN A 195 -13.21 3.17 15.33
N VAL A 196 -13.03 2.95 14.03
CA VAL A 196 -12.20 3.85 13.23
C VAL A 196 -12.79 5.25 13.24
N TYR A 197 -14.11 5.36 13.12
CA TYR A 197 -14.74 6.68 13.08
C TYR A 197 -14.87 7.28 14.46
N GLU A 198 -15.29 6.49 15.46
CA GLU A 198 -15.60 7.04 16.77
C GLU A 198 -14.36 7.21 17.63
N GLU A 199 -13.44 6.25 17.61
CA GLU A 199 -12.29 6.28 18.50
C GLU A 199 -11.03 6.86 17.88
N LEU A 200 -10.89 6.78 16.56
CA LEU A 200 -9.75 7.40 15.88
C LEU A 200 -10.05 8.78 15.33
N LEU A 201 -11.20 8.95 14.67
CA LEU A 201 -11.56 10.23 14.07
C LEU A 201 -12.54 11.04 14.90
N ALA A 202 -12.99 10.50 16.04
CA ALA A 202 -13.92 11.18 16.94
C ALA A 202 -15.21 11.59 16.20
N ILE A 203 -15.71 10.70 15.36
CA ILE A 203 -16.92 10.92 14.60
C ILE A 203 -17.96 9.88 15.02
N PRO A 204 -19.11 10.28 15.55
CA PRO A 204 -20.16 9.31 15.85
C PRO A 204 -20.86 8.84 14.58
N VAL A 205 -21.21 7.56 14.55
CA VAL A 205 -21.86 6.96 13.39
C VAL A 205 -23.09 6.17 13.85
N VAL A 206 -23.99 5.95 12.91
CA VAL A 206 -25.17 5.12 13.12
C VAL A 206 -25.00 3.83 12.34
N LYS A 207 -25.05 2.70 13.04
CA LYS A 207 -24.91 1.39 12.41
C LYS A 207 -26.29 0.89 11.98
N GLY A 208 -26.39 0.44 10.74
CA GLY A 208 -27.67 -0.02 10.23
C GLY A 208 -27.51 -0.82 8.96
N ARG A 209 -28.66 -1.22 8.40
CA ARG A 209 -28.73 -2.02 7.20
C ARG A 209 -29.21 -1.17 6.03
N LYS A 210 -28.63 -1.41 4.85
CA LYS A 210 -29.07 -0.71 3.65
C LYS A 210 -30.38 -1.29 3.14
N THR A 211 -31.19 -0.42 2.53
CA THR A 211 -32.42 -0.87 1.91
C THR A 211 -32.12 -1.71 0.67
N GLU A 212 -33.13 -2.41 0.18
CA GLU A 212 -32.96 -3.24 -1.01
C GLU A 212 -32.56 -2.41 -2.22
N LYS A 213 -32.93 -1.13 -2.24
CA LYS A 213 -32.58 -0.27 -3.37
C LYS A 213 -31.10 0.09 -3.36
N GLU A 214 -30.53 0.29 -2.17
CA GLU A 214 -29.17 0.79 -2.04
C GLU A 214 -28.18 -0.27 -1.55
N LYS A 215 -28.59 -1.53 -1.48
CA LYS A 215 -27.68 -2.58 -1.03
C LYS A 215 -26.72 -2.96 -2.14
N PHE A 216 -25.62 -3.61 -1.75
CA PHE A 216 -24.64 -4.07 -2.71
C PHE A 216 -25.27 -5.09 -3.65
N ALA A 217 -25.13 -4.84 -4.96
CA ALA A 217 -25.74 -5.69 -5.96
C ALA A 217 -25.14 -7.09 -5.92
N GLY A 218 -26.00 -8.10 -5.90
CA GLY A 218 -25.57 -9.48 -5.84
C GLY A 218 -25.33 -10.01 -4.44
N GLY A 219 -25.36 -9.16 -3.42
CA GLY A 219 -25.18 -9.62 -2.06
C GLY A 219 -26.51 -9.95 -1.38
N ASP A 220 -26.40 -10.57 -0.21
CA ASP A 220 -27.60 -10.88 0.56
C ASP A 220 -28.10 -9.65 1.32
N TYR A 221 -27.24 -9.02 2.11
CA TYR A 221 -27.58 -7.75 2.72
C TYR A 221 -26.30 -6.94 2.91
N THR A 222 -26.48 -5.62 2.98
CA THR A 222 -25.39 -4.68 3.17
C THR A 222 -25.59 -3.94 4.49
N THR A 223 -24.57 -3.98 5.34
CA THR A 223 -24.55 -3.16 6.55
C THR A 223 -23.64 -1.96 6.31
N THR A 224 -23.93 -0.87 7.02
CA THR A 224 -23.19 0.36 6.79
C THR A 224 -23.18 1.19 8.06
N ILE A 225 -22.26 2.16 8.10
CA ILE A 225 -22.22 3.18 9.13
C ILE A 225 -22.42 4.53 8.46
N GLU A 226 -23.28 5.36 9.04
CA GLU A 226 -23.63 6.65 8.48
C GLU A 226 -23.17 7.75 9.40
N ALA A 227 -22.45 8.72 8.86
CA ALA A 227 -22.01 9.91 9.59
C ALA A 227 -22.79 11.12 9.09
N PHE A 228 -22.93 12.12 9.97
CA PHE A 228 -23.68 13.32 9.64
C PHE A 228 -22.75 14.52 9.59
N ILE A 229 -22.96 15.37 8.58
CA ILE A 229 -22.18 16.58 8.39
C ILE A 229 -23.15 17.75 8.57
N SER A 230 -23.12 18.36 9.75
CA SER A 230 -24.09 19.41 10.07
C SER A 230 -23.85 20.69 9.28
N ALA A 231 -22.64 20.87 8.74
CA ALA A 231 -22.34 22.09 7.98
C ALA A 231 -23.22 22.19 6.73
N SER A 232 -23.61 21.06 6.15
CA SER A 232 -24.47 21.04 4.98
C SER A 232 -25.77 20.30 5.23
N GLY A 233 -25.99 19.76 6.42
CA GLY A 233 -27.21 19.01 6.70
C GLY A 233 -27.34 17.72 5.93
N ARG A 234 -26.24 17.17 5.43
CA ARG A 234 -26.25 15.96 4.62
C ARG A 234 -25.50 14.85 5.34
N ALA A 235 -25.96 13.62 5.14
CA ALA A 235 -25.30 12.44 5.68
C ALA A 235 -24.37 11.84 4.63
N ILE A 236 -23.56 10.89 5.07
CA ILE A 236 -22.59 10.25 4.18
C ILE A 236 -22.29 8.85 4.71
N GLN A 237 -22.16 7.91 3.78
CA GLN A 237 -21.82 6.53 4.11
C GLN A 237 -20.34 6.42 4.44
N GLY A 238 -20.03 5.94 5.64
CA GLY A 238 -18.65 5.84 6.08
C GLY A 238 -17.97 4.54 5.71
N GLY A 239 -18.72 3.45 5.68
CA GLY A 239 -18.14 2.15 5.36
C GLY A 239 -19.24 1.16 5.06
N THR A 240 -18.82 -0.02 4.59
CA THR A 240 -19.75 -1.07 4.19
C THR A 240 -19.20 -2.43 4.57
N SER A 241 -20.10 -3.31 5.03
CA SER A 241 -19.77 -4.70 5.33
C SER A 241 -20.90 -5.56 4.79
N HIS A 242 -20.65 -6.25 3.68
CA HIS A 242 -21.69 -6.98 2.97
C HIS A 242 -21.64 -8.45 3.33
N HIS A 243 -22.82 -9.06 3.45
CA HIS A 243 -22.96 -10.50 3.45
C HIS A 243 -23.40 -10.94 2.06
N LEU A 244 -22.55 -11.71 1.38
CA LEU A 244 -22.83 -12.14 0.02
C LEU A 244 -23.58 -13.46 -0.03
N GLY A 245 -23.68 -14.18 1.08
CA GLY A 245 -24.33 -15.47 1.07
C GLY A 245 -23.60 -16.43 0.16
N GLN A 246 -24.37 -17.19 -0.62
CA GLN A 246 -23.82 -18.11 -1.61
C GLN A 246 -24.00 -17.58 -3.04
N ASN A 247 -24.41 -16.32 -3.20
CA ASN A 247 -24.68 -15.79 -4.52
C ASN A 247 -23.42 -15.82 -5.39
N PHE A 248 -22.29 -15.34 -4.86
CA PHE A 248 -21.06 -15.31 -5.63
C PHE A 248 -20.40 -16.67 -5.69
N SER A 249 -20.47 -17.45 -4.61
CA SER A 249 -19.85 -18.77 -4.61
C SER A 249 -20.55 -19.72 -5.57
N LYS A 250 -21.83 -19.50 -5.85
CA LYS A 250 -22.53 -20.34 -6.82
C LYS A 250 -22.10 -20.02 -8.25
N MET A 251 -21.88 -18.73 -8.55
CA MET A 251 -21.51 -18.36 -9.90
C MET A 251 -20.04 -18.64 -10.20
N PHE A 252 -19.18 -18.59 -9.18
CA PHE A 252 -17.77 -18.90 -9.34
C PHE A 252 -17.40 -20.30 -8.88
N GLU A 253 -18.37 -21.08 -8.41
CA GLU A 253 -18.18 -22.47 -8.01
C GLU A 253 -17.13 -22.60 -6.90
N ILE A 254 -17.39 -21.89 -5.80
CA ILE A 254 -16.57 -21.98 -4.60
C ILE A 254 -17.23 -23.03 -3.70
N VAL A 255 -16.80 -24.28 -3.85
CA VAL A 255 -17.42 -25.40 -3.17
C VAL A 255 -16.38 -26.15 -2.36
N PHE A 256 -16.79 -26.64 -1.19
CA PHE A 256 -15.95 -27.44 -0.32
C PHE A 256 -16.63 -28.76 -0.02
N GLU A 257 -15.83 -29.78 0.27
CA GLU A 257 -16.35 -31.09 0.58
C GLU A 257 -16.80 -31.16 2.04
N ASP A 258 -17.86 -31.91 2.26
CA ASP A 258 -18.40 -32.06 3.61
C ASP A 258 -17.40 -32.78 4.50
N PRO A 259 -17.15 -32.30 5.72
CA PRO A 259 -16.15 -32.94 6.60
C PRO A 259 -16.63 -34.24 7.23
N LYS A 260 -17.87 -34.66 7.01
CA LYS A 260 -18.36 -35.90 7.61
C LYS A 260 -19.13 -36.73 6.60
N ILE A 261 -19.88 -36.09 5.72
CA ILE A 261 -20.72 -36.78 4.74
C ILE A 261 -19.88 -37.03 3.50
N PRO A 262 -19.63 -38.29 3.14
CA PRO A 262 -18.74 -38.58 2.00
C PRO A 262 -19.36 -38.12 0.68
N GLY A 263 -18.60 -37.31 -0.06
CA GLY A 263 -19.01 -36.88 -1.38
C GLY A 263 -19.91 -35.66 -1.42
N GLU A 264 -20.38 -35.18 -0.27
CA GLU A 264 -21.28 -34.03 -0.25
C GLU A 264 -20.49 -32.75 -0.36
N LYS A 265 -20.93 -31.86 -1.25
CA LYS A 265 -20.30 -30.57 -1.46
C LYS A 265 -21.28 -29.45 -1.15
N GLN A 266 -20.75 -28.34 -0.63
CA GLN A 266 -21.59 -27.21 -0.25
C GLN A 266 -20.94 -25.91 -0.72
N PHE A 267 -21.76 -24.99 -1.19
CA PHE A 267 -21.27 -23.68 -1.57
C PHE A 267 -20.90 -22.88 -0.32
N ALA A 268 -19.79 -22.14 -0.41
CA ALA A 268 -19.34 -21.38 0.74
C ALA A 268 -20.15 -20.10 0.90
N TYR A 269 -20.15 -19.58 2.12
CA TYR A 269 -20.80 -18.31 2.43
C TYR A 269 -19.73 -17.22 2.53
N GLN A 270 -19.92 -16.14 1.79
CA GLN A 270 -18.89 -15.13 1.62
C GLN A 270 -19.34 -13.77 2.15
N ASN A 271 -18.35 -12.98 2.55
CA ASN A 271 -18.54 -11.58 2.92
C ASN A 271 -17.54 -10.72 2.15
N SER A 272 -17.80 -9.42 2.14
CA SER A 272 -16.86 -8.43 1.64
C SER A 272 -17.10 -7.11 2.36
N TRP A 273 -16.04 -6.39 2.65
CA TRP A 273 -16.13 -5.17 3.45
C TRP A 273 -15.03 -4.21 3.02
N GLY A 274 -15.37 -2.93 2.98
CA GLY A 274 -14.44 -1.92 2.50
C GLY A 274 -14.50 -0.65 3.32
N LEU A 275 -13.37 0.04 3.36
CA LEU A 275 -13.24 1.33 4.03
C LEU A 275 -12.28 2.18 3.20
N THR A 276 -12.71 3.38 2.82
CA THR A 276 -11.98 4.20 1.87
C THR A 276 -11.38 5.42 2.55
N THR A 277 -10.73 6.26 1.75
CA THR A 277 -10.10 7.49 2.22
C THR A 277 -11.09 8.62 2.42
N ARG A 278 -12.39 8.39 2.19
CA ARG A 278 -13.36 9.44 2.51
C ARG A 278 -13.48 9.66 4.01
N THR A 279 -12.95 8.73 4.82
CA THR A 279 -12.80 8.96 6.25
C THR A 279 -12.13 10.29 6.51
N ILE A 280 -11.08 10.63 5.74
CA ILE A 280 -10.37 11.88 5.95
C ILE A 280 -11.26 13.06 5.61
N GLY A 281 -12.09 12.93 4.58
CA GLY A 281 -12.99 14.02 4.22
C GLY A 281 -14.06 14.25 5.26
N VAL A 282 -14.59 13.18 5.85
CA VAL A 282 -15.58 13.33 6.91
C VAL A 282 -14.93 13.94 8.15
N MET A 283 -13.68 13.55 8.43
CA MET A 283 -12.93 14.17 9.53
C MET A 283 -12.79 15.67 9.32
N THR A 284 -12.51 16.08 8.08
CA THR A 284 -12.35 17.51 7.78
C THR A 284 -13.68 18.24 7.90
N MET A 285 -14.75 17.66 7.36
CA MET A 285 -16.04 18.33 7.35
C MET A 285 -16.60 18.49 8.76
N VAL A 286 -16.40 17.50 9.61
CA VAL A 286 -17.04 17.51 10.93
C VAL A 286 -16.26 18.39 11.90
N HIS A 287 -14.92 18.25 11.94
CA HIS A 287 -14.12 18.90 12.96
C HIS A 287 -13.52 20.24 12.54
N GLY A 288 -13.42 20.50 11.23
CA GLY A 288 -12.80 21.72 10.77
C GLY A 288 -13.57 22.97 11.18
N ASP A 289 -12.85 24.08 11.26
CA ASP A 289 -13.46 25.35 11.66
C ASP A 289 -13.02 26.50 10.75
N ASN A 290 -13.28 27.73 11.16
CA ASN A 290 -12.92 28.90 10.36
C ASN A 290 -11.44 29.23 10.42
N MET A 291 -10.67 28.53 11.25
CA MET A 291 -9.21 28.68 11.25
C MET A 291 -8.51 27.56 10.52
N GLY A 292 -9.25 26.60 9.96
CA GLY A 292 -8.69 25.57 9.12
C GLY A 292 -8.97 24.18 9.67
N LEU A 293 -8.08 23.25 9.31
CA LEU A 293 -8.24 21.85 9.71
C LEU A 293 -8.14 21.71 11.23
N VAL A 294 -8.78 20.65 11.75
CA VAL A 294 -8.70 20.29 13.16
C VAL A 294 -8.48 18.80 13.23
N LEU A 295 -7.30 18.38 13.69
CA LEU A 295 -6.96 16.97 13.66
C LEU A 295 -7.20 16.33 15.00
N PRO A 296 -7.94 15.22 15.06
CA PRO A 296 -8.00 14.44 16.29
C PRO A 296 -6.62 13.92 16.65
N PRO A 297 -6.19 14.06 17.90
CA PRO A 297 -4.84 13.62 18.28
C PRO A 297 -4.55 12.16 17.95
N ARG A 298 -5.58 11.32 17.84
CA ARG A 298 -5.37 9.91 17.57
C ARG A 298 -4.80 9.67 16.18
N VAL A 299 -5.09 10.55 15.22
CA VAL A 299 -4.65 10.38 13.85
C VAL A 299 -3.75 11.53 13.37
N ALA A 300 -3.48 12.50 14.22
CA ALA A 300 -2.68 13.65 13.80
C ALA A 300 -1.24 13.21 13.54
N CYS A 301 -0.72 13.55 12.35
CA CYS A 301 0.68 13.26 12.03
C CYS A 301 1.60 13.93 13.04
N VAL A 302 1.31 15.18 13.38
CA VAL A 302 1.99 15.89 14.47
C VAL A 302 0.93 16.21 15.51
N GLN A 303 1.13 15.73 16.73
CA GLN A 303 0.21 16.03 17.82
C GLN A 303 0.58 17.32 18.55
N VAL A 304 1.87 17.62 18.66
CA VAL A 304 2.36 18.81 19.34
C VAL A 304 3.42 19.45 18.48
N VAL A 305 3.27 20.75 18.21
CA VAL A 305 4.28 21.53 17.50
C VAL A 305 4.91 22.50 18.48
N ILE A 306 6.24 22.54 18.50
CA ILE A 306 7.00 23.40 19.40
C ILE A 306 7.48 24.62 18.61
N ILE A 307 7.10 25.81 19.07
CA ILE A 307 7.42 27.05 18.39
C ILE A 307 8.17 27.96 19.36
N PRO A 308 9.41 28.36 19.05
CA PRO A 308 10.12 29.30 19.92
C PRO A 308 9.52 30.70 19.78
N CYS A 309 9.19 31.31 20.91
CA CYS A 309 8.64 32.65 20.96
C CYS A 309 9.71 33.65 21.39
N GLY A 310 9.52 34.90 21.01
CA GLY A 310 10.48 35.93 21.33
C GLY A 310 11.83 35.76 20.69
N ILE A 311 11.91 35.01 19.60
CA ILE A 311 13.17 34.79 18.91
C ILE A 311 13.47 35.93 17.95
N GLU A 318 21.93 36.97 22.15
CA GLU A 318 22.25 36.70 23.55
C GLU A 318 22.12 35.20 23.85
N ASP A 319 21.07 34.84 24.59
CA ASP A 319 20.82 33.45 24.96
C ASP A 319 19.83 32.80 24.00
N LYS A 320 20.07 32.96 22.69
CA LYS A 320 19.20 32.35 21.70
C LYS A 320 19.37 30.84 21.68
N GLU A 321 20.62 30.36 21.79
CA GLU A 321 20.86 28.93 21.86
C GLU A 321 20.21 28.29 23.08
N ALA A 322 19.99 29.07 24.14
CA ALA A 322 19.33 28.53 25.33
C ALA A 322 17.87 28.20 25.03
N LEU A 323 17.17 29.08 24.31
CA LEU A 323 15.76 28.84 23.99
C LEU A 323 15.61 27.68 23.01
N ILE A 324 16.53 27.57 22.05
CA ILE A 324 16.44 26.51 21.05
C ILE A 324 16.67 25.15 21.70
N ALA A 325 17.62 25.06 22.63
CA ALA A 325 17.92 23.79 23.26
C ALA A 325 16.79 23.35 24.19
N LYS A 326 16.08 24.30 24.80
CA LYS A 326 14.92 23.95 25.60
C LYS A 326 13.79 23.41 24.73
N CYS A 327 13.65 23.93 23.51
CA CYS A 327 12.70 23.35 22.57
C CYS A 327 13.09 21.92 22.19
N ASN A 328 14.39 21.67 22.04
CA ASN A 328 14.85 20.31 21.76
C ASN A 328 14.67 19.40 22.95
N ASP A 329 14.72 19.96 24.17
CA ASP A 329 14.47 19.16 25.36
C ASP A 329 13.02 18.69 25.40
N TYR A 330 12.08 19.58 25.13
CA TYR A 330 10.68 19.19 25.05
C TYR A 330 10.45 18.20 23.92
N ARG A 331 11.10 18.41 22.77
CA ARG A 331 10.89 17.53 21.63
C ARG A 331 11.29 16.09 21.96
N ARG A 332 12.45 15.91 22.58
CA ARG A 332 12.89 14.56 22.91
C ARG A 332 12.10 13.97 24.08
N ARG A 333 11.70 14.81 25.04
CA ARG A 333 10.91 14.32 26.16
C ARG A 333 9.54 13.84 25.70
N LEU A 334 8.98 14.45 24.65
CA LEU A 334 7.71 13.97 24.11
C LEU A 334 7.90 12.72 23.27
N LEU A 335 9.06 12.58 22.61
CA LEU A 335 9.34 11.36 21.87
C LEU A 335 9.54 10.17 22.79
N SER A 336 10.03 10.40 24.01
CA SER A 336 10.26 9.30 24.94
C SER A 336 8.95 8.68 25.41
N VAL A 337 7.92 9.51 25.59
CA VAL A 337 6.60 9.02 25.96
C VAL A 337 5.78 8.77 24.71
N ASN A 338 6.46 8.73 23.56
CA ASN A 338 5.86 8.39 22.27
C ASN A 338 4.71 9.34 21.91
N ILE A 339 5.00 10.63 21.94
CA ILE A 339 4.09 11.66 21.45
C ILE A 339 4.67 12.22 20.16
N ARG A 340 3.85 12.26 19.11
CA ARG A 340 4.33 12.73 17.80
C ARG A 340 4.49 14.25 17.86
N VAL A 341 5.75 14.70 17.78
CA VAL A 341 6.08 16.10 18.02
C VAL A 341 6.97 16.60 16.89
N ARG A 342 6.82 17.88 16.56
CA ARG A 342 7.69 18.56 15.63
C ARG A 342 8.14 19.89 16.22
N ALA A 343 9.41 20.21 16.06
CA ALA A 343 9.98 21.46 16.52
C ALA A 343 10.24 22.35 15.31
N ASP A 344 9.41 23.38 15.15
CA ASP A 344 9.58 24.33 14.05
C ASP A 344 10.57 25.40 14.49
N LEU A 345 11.86 25.08 14.34
CA LEU A 345 12.95 25.96 14.74
C LEU A 345 13.44 26.85 13.60
N ARG A 346 12.66 26.97 12.52
CA ARG A 346 13.10 27.75 11.38
C ARG A 346 13.13 29.24 11.71
N ASP A 347 14.21 29.90 11.28
CA ASP A 347 14.39 31.33 11.53
C ASP A 347 13.90 32.19 10.36
N ASN A 348 13.32 31.59 9.33
CA ASN A 348 12.89 32.34 8.16
C ASN A 348 11.51 32.96 8.32
N TYR A 349 10.70 32.46 9.25
CA TYR A 349 9.32 32.89 9.39
C TYR A 349 9.06 33.45 10.77
N SER A 350 8.10 34.37 10.84
CA SER A 350 7.71 34.96 12.11
C SER A 350 7.02 33.93 12.99
N PRO A 351 7.11 34.08 14.32
CA PRO A 351 6.35 33.17 15.19
C PRO A 351 4.86 33.19 14.94
N GLY A 352 4.29 34.39 14.72
CA GLY A 352 2.88 34.46 14.36
C GLY A 352 2.57 33.76 13.05
N TRP A 353 3.53 33.75 12.12
CA TRP A 353 3.36 32.98 10.90
C TRP A 353 3.30 31.48 11.19
N LYS A 354 4.17 31.01 12.08
CA LYS A 354 4.13 29.61 12.48
C LYS A 354 2.85 29.27 13.22
N PHE A 355 2.32 30.22 14.01
CA PHE A 355 1.04 30.01 14.67
C PHE A 355 -0.06 29.72 13.65
N ASN A 356 -0.14 30.55 12.61
CA ASN A 356 -1.18 30.38 11.60
C ASN A 356 -0.92 29.17 10.72
N HIS A 357 0.35 28.84 10.47
CA HIS A 357 0.68 27.72 9.60
C HIS A 357 0.21 26.40 10.20
N TRP A 358 0.56 26.16 11.46
CA TRP A 358 0.20 24.89 12.09
C TRP A 358 -1.24 24.84 12.56
N GLU A 359 -1.90 26.00 12.69
CA GLU A 359 -3.34 25.99 12.96
C GLU A 359 -4.12 25.53 11.73
N LEU A 360 -3.74 26.04 10.55
CA LEU A 360 -4.36 25.58 9.31
C LEU A 360 -4.18 24.08 9.13
N LYS A 361 -3.01 23.56 9.50
CA LYS A 361 -2.74 22.13 9.37
C LYS A 361 -3.42 21.31 10.46
N GLY A 362 -3.95 21.95 11.50
CA GLY A 362 -4.75 21.25 12.49
C GLY A 362 -4.00 20.58 13.61
N VAL A 363 -2.77 21.01 13.90
CA VAL A 363 -2.00 20.38 14.98
C VAL A 363 -2.74 20.60 16.30
N PRO A 364 -3.04 19.54 17.06
CA PRO A 364 -3.89 19.71 18.26
C PRO A 364 -3.31 20.65 19.30
N ILE A 365 -2.01 20.56 19.58
CA ILE A 365 -1.39 21.35 20.64
C ILE A 365 -0.23 22.15 20.05
N ARG A 366 -0.25 23.45 20.28
CA ARG A 366 0.90 24.31 20.01
C ARG A 366 1.64 24.56 21.31
N LEU A 367 2.93 24.24 21.33
CA LEU A 367 3.77 24.41 22.50
C LEU A 367 4.65 25.65 22.28
N GLU A 368 4.35 26.72 23.00
CA GLU A 368 5.08 27.98 22.88
C GLU A 368 6.09 28.10 24.02
N VAL A 369 7.34 28.37 23.68
CA VAL A 369 8.41 28.57 24.65
C VAL A 369 9.03 29.94 24.39
N GLY A 370 8.77 30.88 25.28
CA GLY A 370 9.37 32.19 25.20
C GLY A 370 10.54 32.31 26.16
N PRO A 371 11.31 33.40 26.04
CA PRO A 371 12.46 33.57 26.94
C PRO A 371 12.08 33.64 28.40
N ARG A 372 11.04 34.40 28.74
CA ARG A 372 10.62 34.52 30.12
C ARG A 372 10.08 33.18 30.65
N ASP A 373 9.22 32.52 29.86
CA ASP A 373 8.69 31.23 30.28
C ASP A 373 9.81 30.19 30.40
N MET A 374 10.79 30.23 29.50
CA MET A 374 11.91 29.30 29.57
C MET A 374 12.67 29.47 30.87
N LYS A 375 13.02 30.71 31.23
CA LYS A 375 13.72 30.96 32.48
C LYS A 375 12.86 30.63 33.70
N SER A 376 11.54 30.58 33.55
CA SER A 376 10.63 30.23 34.63
C SER A 376 10.35 28.74 34.70
N CYS A 377 10.92 27.95 33.80
CA CYS A 377 10.68 26.50 33.74
C CYS A 377 9.19 26.20 33.55
N GLN A 378 8.58 26.89 32.59
CA GLN A 378 7.18 26.67 32.25
C GLN A 378 7.01 26.91 30.76
N PHE A 379 5.83 26.55 30.26
CA PHE A 379 5.50 26.74 28.85
C PHE A 379 4.00 26.94 28.71
N VAL A 380 3.59 27.33 27.51
CA VAL A 380 2.18 27.57 27.18
C VAL A 380 1.75 26.58 26.12
N ALA A 381 0.68 25.85 26.40
CA ALA A 381 0.07 24.91 25.46
C ALA A 381 -1.25 25.49 24.98
N VAL A 382 -1.40 25.64 23.68
CA VAL A 382 -2.60 26.21 23.07
C VAL A 382 -3.39 25.07 22.43
N ARG A 383 -4.65 24.92 22.83
CA ARG A 383 -5.50 23.88 22.29
C ARG A 383 -6.10 24.32 20.95
N ARG A 384 -5.96 23.45 19.94
CA ARG A 384 -6.45 23.81 18.61
C ARG A 384 -7.97 23.84 18.55
N ASP A 385 -8.63 22.92 19.27
CA ASP A 385 -10.08 22.79 19.17
C ASP A 385 -10.79 24.01 19.76
N THR A 386 -10.32 24.51 20.91
CA THR A 386 -11.01 25.58 21.61
C THR A 386 -10.22 26.88 21.67
N GLY A 387 -8.94 26.88 21.30
CA GLY A 387 -8.13 28.07 21.39
C GLY A 387 -7.67 28.42 22.79
N GLU A 388 -7.95 27.59 23.79
CA GLU A 388 -7.56 27.87 25.15
C GLU A 388 -6.05 27.78 25.30
N LYS A 389 -5.49 28.71 26.08
CA LYS A 389 -4.06 28.76 26.36
C LYS A 389 -3.82 28.33 27.79
N LEU A 390 -3.04 27.27 27.97
CA LEU A 390 -2.75 26.71 29.28
C LEU A 390 -1.27 26.88 29.61
N THR A 391 -0.98 27.44 30.78
CA THR A 391 0.38 27.55 31.26
C THR A 391 0.72 26.31 32.08
N VAL A 392 1.77 25.60 31.69
CA VAL A 392 2.15 24.32 32.30
C VAL A 392 3.60 24.41 32.74
N ALA A 393 3.89 23.89 33.93
CA ALA A 393 5.25 23.84 34.42
C ALA A 393 6.07 22.83 33.61
N GLU A 394 7.40 22.88 33.80
CA GLU A 394 8.29 22.06 32.99
C GLU A 394 8.19 20.59 33.38
N ASN A 395 8.20 20.29 34.68
CA ASN A 395 8.23 18.90 35.13
C ASN A 395 6.94 18.16 34.80
N GLU A 396 5.83 18.87 34.57
CA GLU A 396 4.56 18.26 34.25
C GLU A 396 4.30 18.16 32.75
N ALA A 397 5.35 18.31 31.92
CA ALA A 397 5.13 18.39 30.48
C ALA A 397 4.58 17.09 29.92
N GLU A 398 5.14 15.96 30.34
CA GLU A 398 4.73 14.68 29.76
C GLU A 398 3.31 14.30 30.18
N THR A 399 2.98 14.47 31.46
CA THR A 399 1.67 14.07 31.94
C THR A 399 0.57 15.04 31.51
N LYS A 400 0.87 16.34 31.50
CA LYS A 400 -0.16 17.33 31.16
C LYS A 400 -0.50 17.28 29.67
N LEU A 401 0.53 17.27 28.82
CA LEU A 401 0.28 17.22 27.38
C LEU A 401 -0.41 15.93 26.97
N GLN A 402 -0.11 14.82 27.64
CA GLN A 402 -0.86 13.59 27.42
C GLN A 402 -2.30 13.74 27.85
N ALA A 403 -2.56 14.51 28.91
CA ALA A 403 -3.93 14.72 29.38
C ALA A 403 -4.70 15.68 28.49
N ILE A 404 -4.01 16.66 27.90
CA ILE A 404 -4.69 17.60 27.01
C ILE A 404 -5.05 16.94 25.69
N LEU A 405 -4.12 16.14 25.14
CA LEU A 405 -4.39 15.42 23.90
C LEU A 405 -5.60 14.51 24.05
N GLU A 406 -5.68 13.78 25.16
CA GLU A 406 -6.84 12.93 25.40
C GLU A 406 -8.11 13.76 25.58
N ASP A 407 -7.98 14.93 26.21
CA ASP A 407 -9.15 15.78 26.40
C ASP A 407 -9.61 16.40 25.09
N ILE A 408 -8.68 16.63 24.15
CA ILE A 408 -9.07 17.12 22.84
C ILE A 408 -9.85 16.04 22.08
N GLN A 409 -9.38 14.80 22.15
CA GLN A 409 -10.05 13.70 21.45
C GLN A 409 -11.50 13.56 21.92
N VAL A 410 -11.72 13.57 23.23
CA VAL A 410 -13.07 13.38 23.74
C VAL A 410 -13.93 14.61 23.49
N THR A 411 -13.34 15.80 23.52
CA THR A 411 -14.10 17.02 23.26
C THR A 411 -14.63 17.04 21.83
N LEU A 412 -13.78 16.68 20.87
CA LEU A 412 -14.21 16.63 19.47
C LEU A 412 -15.33 15.61 19.29
N PHE A 413 -15.24 14.47 19.97
CA PHE A 413 -16.27 13.45 19.82
C PHE A 413 -17.57 13.87 20.49
N THR A 414 -17.49 14.48 21.68
CA THR A 414 -18.70 14.90 22.37
C THR A 414 -19.41 16.02 21.62
N ARG A 415 -18.65 16.97 21.06
CA ARG A 415 -19.28 18.04 20.31
C ARG A 415 -19.87 17.54 19.00
N ALA A 416 -19.20 16.58 18.36
CA ALA A 416 -19.73 16.00 17.14
C ALA A 416 -21.00 15.19 17.43
N SER A 417 -21.02 14.47 18.54
CA SER A 417 -22.20 13.69 18.90
C SER A 417 -23.34 14.61 19.31
N GLU A 418 -23.04 15.78 19.89
CA GLU A 418 -24.09 16.73 20.22
C GLU A 418 -24.78 17.25 18.96
N ASP A 419 -24.05 17.34 17.85
CA ASP A 419 -24.68 17.70 16.58
C ASP A 419 -25.52 16.55 16.03
N LEU A 420 -25.06 15.31 16.22
CA LEU A 420 -25.82 14.16 15.73
C LEU A 420 -27.11 13.97 16.51
N LYS A 421 -27.06 14.12 17.84
CA LYS A 421 -28.25 13.92 18.66
C LYS A 421 -29.32 14.96 18.39
N THR A 422 -28.92 16.18 18.03
CA THR A 422 -29.87 17.26 17.80
C THR A 422 -30.31 17.39 16.35
N HIS A 423 -29.68 16.66 15.43
CA HIS A 423 -30.03 16.72 14.02
C HIS A 423 -30.62 15.42 13.49
N MET A 424 -30.80 14.41 14.33
CA MET A 424 -31.45 13.16 13.95
C MET A 424 -32.65 12.96 14.87
N VAL A 425 -33.86 13.14 14.33
CA VAL A 425 -35.09 13.03 15.08
C VAL A 425 -36.06 12.13 14.32
N VAL A 426 -37.24 11.94 14.90
CA VAL A 426 -38.24 11.02 14.38
C VAL A 426 -39.42 11.81 13.83
N ALA A 427 -39.97 11.34 12.72
CA ALA A 427 -41.22 11.87 12.17
C ALA A 427 -42.04 10.70 11.65
N ASN A 428 -43.34 10.71 11.96
CA ASN A 428 -44.21 9.59 11.63
C ASN A 428 -45.06 9.83 10.39
N THR A 429 -45.18 11.07 9.93
CA THR A 429 -45.92 11.39 8.71
C THR A 429 -44.96 11.87 7.63
N MET A 430 -45.52 12.26 6.48
CA MET A 430 -44.70 12.61 5.33
C MET A 430 -44.15 14.03 5.43
N GLU A 431 -45.03 15.02 5.60
CA GLU A 431 -44.57 16.41 5.52
C GLU A 431 -43.87 16.88 6.77
N ASP A 432 -44.13 16.26 7.93
CA ASP A 432 -43.25 16.52 9.08
C ASP A 432 -41.85 15.98 8.82
N PHE A 433 -41.76 14.82 8.18
CA PHE A 433 -40.47 14.36 7.66
C PHE A 433 -39.93 15.31 6.61
N GLN A 434 -40.81 15.96 5.86
CA GLN A 434 -40.37 16.97 4.89
C GLN A 434 -39.94 18.26 5.60
N LYS A 435 -40.72 18.71 6.59
CA LYS A 435 -40.42 19.97 7.26
C LYS A 435 -39.14 19.88 8.07
N ILE A 436 -38.91 18.75 8.75
CA ILE A 436 -37.68 18.59 9.52
C ILE A 436 -36.49 18.44 8.58
N LEU A 437 -36.68 17.80 7.43
CA LEU A 437 -35.58 17.55 6.51
C LEU A 437 -35.01 18.85 5.94
N ASP A 438 -35.88 19.74 5.47
CA ASP A 438 -35.42 20.97 4.84
C ASP A 438 -34.76 21.95 5.81
N SER A 439 -34.75 21.64 7.11
CA SER A 439 -34.03 22.45 8.08
C SER A 439 -32.62 21.92 8.34
N GLY A 440 -32.09 21.09 7.44
CA GLY A 440 -30.75 20.56 7.57
C GLY A 440 -30.63 19.44 8.60
N LYS A 441 -31.48 18.43 8.47
CA LYS A 441 -31.50 17.32 9.42
C LYS A 441 -31.75 16.02 8.67
N ILE A 442 -31.54 14.90 9.37
CA ILE A 442 -31.87 13.57 8.88
C ILE A 442 -32.95 13.01 9.80
N VAL A 443 -33.87 12.24 9.22
CA VAL A 443 -35.08 11.81 9.92
C VAL A 443 -35.24 10.30 9.80
N GLN A 444 -35.66 9.67 10.89
CA GLN A 444 -36.05 8.26 10.89
C GLN A 444 -37.57 8.20 10.77
N ILE A 445 -38.05 7.51 9.73
CA ILE A 445 -39.49 7.46 9.43
C ILE A 445 -39.93 6.01 9.30
N PRO A 446 -41.21 5.70 9.56
CA PRO A 446 -41.72 4.35 9.27
C PRO A 446 -41.76 4.12 7.76
N PHE A 447 -41.01 3.12 7.31
CA PHE A 447 -40.82 2.88 5.88
C PHE A 447 -41.17 1.44 5.55
N CYS A 448 -41.87 1.25 4.44
CA CYS A 448 -42.27 -0.08 3.99
C CYS A 448 -41.14 -0.84 3.32
N GLY A 449 -40.04 -0.18 2.97
CA GLY A 449 -38.91 -0.85 2.37
C GLY A 449 -39.02 -1.15 0.90
N GLU A 450 -40.10 -0.74 0.24
CA GLU A 450 -40.26 -1.01 -1.18
C GLU A 450 -39.39 -0.08 -2.01
N ILE A 451 -38.95 -0.59 -3.17
CA ILE A 451 -38.07 0.19 -4.04
C ILE A 451 -38.86 1.29 -4.75
N ASP A 452 -40.06 0.96 -5.25
CA ASP A 452 -40.87 1.96 -5.92
C ASP A 452 -41.31 3.05 -4.96
N CYS A 453 -41.47 2.71 -3.68
CA CYS A 453 -41.82 3.73 -2.69
C CYS A 453 -40.66 4.65 -2.40
N GLU A 454 -39.44 4.10 -2.39
CA GLU A 454 -38.26 4.92 -2.14
C GLU A 454 -38.01 5.90 -3.29
N ASP A 455 -38.40 5.53 -4.51
CA ASP A 455 -38.30 6.47 -5.63
C ASP A 455 -39.25 7.65 -5.44
N TRP A 456 -40.48 7.37 -5.01
CA TRP A 456 -41.44 8.44 -4.76
C TRP A 456 -41.00 9.34 -3.61
N ILE A 457 -40.33 8.78 -2.60
CA ILE A 457 -39.84 9.60 -1.49
C ILE A 457 -38.81 10.59 -1.98
N LYS A 458 -37.85 10.12 -2.80
CA LYS A 458 -36.83 11.02 -3.32
C LYS A 458 -37.41 12.07 -4.25
N LYS A 459 -38.46 11.72 -5.00
CA LYS A 459 -39.10 12.71 -5.87
C LYS A 459 -39.91 13.72 -5.08
N THR A 460 -40.59 13.26 -4.02
CA THR A 460 -41.41 14.17 -3.23
C THR A 460 -40.55 15.08 -2.35
N THR A 461 -39.45 14.56 -1.82
CA THR A 461 -38.57 15.38 -0.99
C THR A 461 -37.97 16.53 -1.78
N ALA A 462 -37.67 16.31 -3.06
CA ALA A 462 -37.26 17.41 -3.92
C ALA A 462 -38.43 18.23 -4.42
N ARG A 463 -39.63 17.66 -4.43
CA ARG A 463 -40.82 18.40 -4.86
C ARG A 463 -41.27 19.39 -3.80
N ASP A 464 -41.67 18.89 -2.63
CA ASP A 464 -42.13 19.75 -1.55
C ASP A 464 -40.99 20.06 -0.59
N SER A 473 -32.09 22.44 -4.37
CA SER A 473 -32.02 21.37 -3.39
C SER A 473 -31.85 20.01 -4.05
N MET A 474 -32.22 18.95 -3.35
CA MET A 474 -32.10 17.60 -3.88
C MET A 474 -33.11 16.71 -3.16
N GLY A 475 -33.34 15.54 -3.75
CA GLY A 475 -34.28 14.58 -3.17
C GLY A 475 -33.60 13.69 -2.14
N ALA A 476 -34.29 13.50 -1.02
CA ALA A 476 -33.73 12.71 0.06
C ALA A 476 -33.80 11.22 -0.27
N LYS A 477 -32.69 10.53 -0.05
CA LYS A 477 -32.61 9.09 -0.24
C LYS A 477 -32.39 8.40 1.10
N SER A 478 -32.60 7.09 1.10
CA SER A 478 -32.42 6.31 2.33
C SER A 478 -30.93 6.19 2.66
N LEU A 479 -30.65 6.19 3.96
CA LEU A 479 -29.29 6.07 4.46
C LEU A 479 -29.02 4.68 5.04
N CYS A 480 -29.83 4.25 6.01
CA CYS A 480 -29.70 2.93 6.58
C CYS A 480 -30.94 2.64 7.43
N ILE A 481 -31.23 1.35 7.60
CA ILE A 481 -32.22 0.89 8.56
C ILE A 481 -31.47 0.64 9.87
N PRO A 482 -31.58 1.53 10.85
CA PRO A 482 -30.71 1.43 12.02
C PRO A 482 -31.02 0.20 12.87
N PHE A 483 -29.96 -0.33 13.49
CA PHE A 483 -30.13 -1.48 14.38
C PHE A 483 -30.85 -1.08 15.66
N LYS A 484 -30.46 0.04 16.26
CA LYS A 484 -31.08 0.57 17.47
C LYS A 484 -31.67 1.93 17.14
N PRO A 485 -32.90 1.97 16.64
CA PRO A 485 -33.51 3.27 16.30
C PRO A 485 -33.83 4.08 17.54
N LEU A 486 -34.21 5.34 17.30
CA LEU A 486 -34.58 6.22 18.40
C LEU A 486 -35.86 5.73 19.09
N CYS A 487 -36.85 5.31 18.32
CA CYS A 487 -38.09 4.79 18.86
C CYS A 487 -38.45 3.49 18.15
N GLU A 488 -39.18 2.63 18.85
CA GLU A 488 -39.67 1.39 18.26
C GLU A 488 -40.95 1.64 17.46
N LEU A 489 -41.19 0.78 16.48
CA LEU A 489 -42.35 0.95 15.62
C LEU A 489 -43.65 0.74 16.40
N GLN A 490 -44.65 1.54 16.07
CA GLN A 490 -45.96 1.38 16.68
C GLN A 490 -46.64 0.15 16.11
N PRO A 491 -47.38 -0.60 16.92
CA PRO A 491 -48.06 -1.81 16.41
C PRO A 491 -49.05 -1.46 15.29
N GLY A 492 -48.78 -2.00 14.11
CA GLY A 492 -49.62 -1.74 12.96
C GLY A 492 -49.42 -0.38 12.32
N ALA A 493 -48.27 0.26 12.56
CA ALA A 493 -48.02 1.57 11.98
C ALA A 493 -47.82 1.46 10.47
N LYS A 494 -48.36 2.42 9.73
CA LYS A 494 -48.25 2.44 8.28
C LYS A 494 -47.03 3.25 7.85
N CYS A 495 -46.56 2.97 6.64
CA CYS A 495 -45.46 3.72 6.07
C CYS A 495 -45.88 5.15 5.77
N VAL A 496 -44.88 6.01 5.52
CA VAL A 496 -45.17 7.40 5.21
C VAL A 496 -45.87 7.55 3.88
N CYS A 497 -45.80 6.54 3.00
CA CYS A 497 -46.48 6.62 1.72
C CYS A 497 -47.99 6.49 1.86
N GLY A 498 -48.47 6.02 3.02
CA GLY A 498 -49.91 5.88 3.19
C GLY A 498 -50.56 4.84 2.32
N LYS A 499 -49.81 3.80 1.91
CA LYS A 499 -50.33 2.72 1.07
C LYS A 499 -49.94 1.33 1.52
N ASN A 500 -48.82 1.14 2.22
CA ASN A 500 -48.37 -0.16 2.67
C ASN A 500 -47.96 -0.09 4.13
N PRO A 501 -48.08 -1.20 4.88
CA PRO A 501 -47.64 -1.19 6.28
C PRO A 501 -46.13 -1.02 6.38
N ALA A 502 -45.70 -0.42 7.48
CA ALA A 502 -44.28 -0.12 7.68
C ALA A 502 -43.56 -1.32 8.24
N LYS A 503 -42.39 -1.63 7.69
CA LYS A 503 -41.58 -2.74 8.17
C LYS A 503 -40.62 -2.33 9.27
N TYR A 504 -40.06 -1.12 9.19
CA TYR A 504 -39.03 -0.69 10.12
C TYR A 504 -38.86 0.82 9.98
N TYR A 505 -38.30 1.42 11.03
CA TYR A 505 -37.85 2.80 10.94
C TYR A 505 -36.60 2.86 10.06
N THR A 506 -36.58 3.82 9.14
CA THR A 506 -35.46 3.98 8.21
C THR A 506 -34.96 5.41 8.29
N LEU A 507 -33.64 5.56 8.43
CA LEU A 507 -33.02 6.88 8.45
C LEU A 507 -32.94 7.41 7.03
N PHE A 508 -33.64 8.52 6.78
CA PHE A 508 -33.62 9.18 5.49
C PHE A 508 -32.94 10.54 5.62
N GLY A 509 -32.63 11.13 4.48
CA GLY A 509 -32.00 12.44 4.45
C GLY A 509 -31.19 12.62 3.19
N ARG A 510 -30.79 13.87 2.97
CA ARG A 510 -29.93 14.19 1.83
C ARG A 510 -28.52 13.65 2.09
N SER A 511 -27.89 13.15 1.03
CA SER A 511 -26.61 12.46 1.15
C SER A 511 -25.63 13.00 0.12
N TYR A 512 -24.34 12.87 0.44
CA TYR A 512 -23.27 13.22 -0.49
C TYR A 512 -23.17 12.18 -1.61
N LEU B 16 6.87 -30.84 -5.55
CA LEU B 16 7.42 -30.17 -6.72
C LEU B 16 7.64 -31.17 -7.85
N GLU B 17 7.19 -30.81 -9.06
CA GLU B 17 7.27 -31.71 -10.21
C GLU B 17 8.60 -31.53 -10.93
N ALA B 18 8.77 -30.42 -11.64
CA ALA B 18 9.98 -30.19 -12.40
C ALA B 18 11.18 -29.96 -11.47
N LYS B 19 12.37 -30.01 -12.05
CA LYS B 19 13.61 -29.79 -11.33
C LYS B 19 14.33 -28.57 -11.90
N LYS B 20 15.15 -27.95 -11.06
CA LYS B 20 15.76 -26.67 -11.42
C LYS B 20 16.75 -26.81 -12.56
N GLU B 21 17.57 -27.87 -12.54
CA GLU B 21 18.59 -28.04 -13.58
C GLU B 21 17.96 -28.36 -14.93
N GLU B 22 16.80 -29.02 -14.94
CA GLU B 22 16.12 -29.35 -16.18
C GLU B 22 15.33 -28.15 -16.70
N ASN B 23 13.99 -28.27 -16.72
CA ASN B 23 13.13 -27.19 -17.19
C ASN B 23 13.03 -26.15 -16.08
N LEU B 24 13.84 -25.10 -16.19
CA LEU B 24 13.84 -24.05 -15.16
C LEU B 24 12.52 -23.30 -15.13
N ALA B 25 11.95 -23.00 -16.31
CA ALA B 25 10.69 -22.28 -16.36
C ALA B 25 9.57 -23.09 -15.70
N ASP B 26 9.55 -24.40 -15.95
CA ASP B 26 8.57 -25.24 -15.26
C ASP B 26 8.85 -25.33 -13.77
N TRP B 27 10.13 -25.43 -13.39
CA TRP B 27 10.48 -25.42 -11.97
C TRP B 27 10.04 -24.12 -11.30
N TYR B 28 10.23 -23.00 -11.99
CA TYR B 28 9.86 -21.71 -11.40
C TYR B 28 8.36 -21.63 -11.15
N SER B 29 7.55 -22.12 -12.08
CA SER B 29 6.11 -22.11 -11.88
C SER B 29 5.71 -22.98 -10.69
N GLN B 30 6.34 -24.15 -10.55
CA GLN B 30 6.01 -25.05 -9.45
C GLN B 30 6.38 -24.44 -8.10
N VAL B 31 7.55 -23.83 -8.00
CA VAL B 31 8.03 -23.37 -6.70
C VAL B 31 7.24 -22.16 -6.22
N ILE B 32 6.80 -21.29 -7.13
CA ILE B 32 6.08 -20.09 -6.71
C ILE B 32 4.61 -20.37 -6.41
N THR B 33 4.04 -21.44 -6.98
CA THR B 33 2.66 -21.78 -6.70
C THR B 33 2.53 -22.74 -5.53
N LYS B 34 3.38 -23.76 -5.46
CA LYS B 34 3.30 -24.72 -4.37
C LYS B 34 3.74 -24.10 -3.04
N SER B 35 4.57 -23.06 -3.09
CA SER B 35 4.87 -22.29 -1.87
C SER B 35 3.77 -21.30 -1.54
N GLU B 36 2.71 -21.25 -2.33
CA GLU B 36 1.57 -20.35 -2.10
C GLU B 36 2.00 -18.89 -2.12
N MET B 37 2.91 -18.55 -3.05
CA MET B 37 3.30 -17.16 -3.27
C MET B 37 2.48 -16.52 -4.37
N ILE B 38 2.36 -17.20 -5.52
CA ILE B 38 1.75 -16.65 -6.71
C ILE B 38 0.58 -17.55 -7.14
N GLU B 39 -0.52 -16.93 -7.52
CA GLU B 39 -1.60 -17.61 -8.24
C GLU B 39 -1.81 -16.92 -9.57
N TYR B 40 -2.07 -17.70 -10.62
CA TYR B 40 -2.21 -17.15 -11.95
C TYR B 40 -3.57 -16.49 -12.13
N HIS B 41 -3.59 -15.45 -12.95
CA HIS B 41 -4.78 -14.71 -13.33
C HIS B 41 -5.11 -15.01 -14.79
N ASP B 42 -6.37 -14.80 -15.15
CA ASP B 42 -6.79 -15.08 -16.52
C ASP B 42 -6.31 -14.03 -17.52
N ILE B 43 -5.57 -13.02 -17.06
CA ILE B 43 -4.99 -12.00 -17.93
C ILE B 43 -3.48 -12.16 -17.90
N SER B 44 -2.89 -12.41 -19.06
CA SER B 44 -1.47 -12.70 -19.14
C SER B 44 -0.64 -11.54 -18.61
N GLY B 45 0.45 -11.86 -17.92
CA GLY B 45 1.30 -10.86 -17.32
C GLY B 45 0.83 -10.34 -15.98
N CYS B 46 -0.36 -10.71 -15.54
CA CYS B 46 -0.90 -10.29 -14.25
C CYS B 46 -0.95 -11.48 -13.31
N TYR B 47 -0.48 -11.30 -12.08
CA TYR B 47 -0.33 -12.40 -11.15
C TYR B 47 -0.81 -11.97 -9.77
N ILE B 48 -1.23 -12.95 -8.98
CA ILE B 48 -1.77 -12.70 -7.64
C ILE B 48 -0.64 -12.84 -6.63
N LEU B 49 -0.50 -11.84 -5.76
CA LEU B 49 0.47 -11.89 -4.66
C LEU B 49 -0.24 -12.46 -3.43
N ARG B 50 -0.07 -13.76 -3.20
CA ARG B 50 -0.67 -14.40 -2.05
C ARG B 50 0.04 -13.96 -0.78
N PRO B 51 -0.59 -14.14 0.38
CA PRO B 51 0.00 -13.62 1.64
C PRO B 51 1.43 -14.05 1.91
N TRP B 52 1.84 -15.23 1.43
CA TRP B 52 3.21 -15.66 1.68
C TRP B 52 4.21 -14.79 0.92
N ALA B 53 3.89 -14.40 -0.31
CA ALA B 53 4.76 -13.51 -1.07
C ALA B 53 4.62 -12.07 -0.61
N TYR B 54 3.40 -11.66 -0.24
CA TYR B 54 3.19 -10.28 0.20
C TYR B 54 3.93 -9.99 1.49
N ALA B 55 4.08 -10.98 2.36
CA ALA B 55 4.82 -10.77 3.60
C ALA B 55 6.30 -10.47 3.33
N ILE B 56 6.84 -10.99 2.24
CA ILE B 56 8.21 -10.67 1.88
C ILE B 56 8.30 -9.22 1.40
N TRP B 57 7.33 -8.80 0.59
CA TRP B 57 7.29 -7.41 0.15
C TRP B 57 7.09 -6.47 1.34
N GLU B 58 6.29 -6.88 2.32
CA GLU B 58 6.10 -6.07 3.52
C GLU B 58 7.39 -5.97 4.32
N ALA B 59 8.19 -7.04 4.34
CA ALA B 59 9.46 -6.99 5.05
C ALA B 59 10.44 -6.06 4.34
N ILE B 60 10.46 -6.09 3.01
CA ILE B 60 11.29 -5.14 2.26
C ILE B 60 10.77 -3.73 2.45
N LYS B 61 9.45 -3.56 2.46
CA LYS B 61 8.87 -2.23 2.64
C LYS B 61 9.22 -1.64 3.99
N ASP B 62 9.12 -2.43 5.06
CA ASP B 62 9.41 -1.91 6.39
C ASP B 62 10.86 -1.49 6.55
N PHE B 63 11.79 -2.21 5.90
CA PHE B 63 13.20 -1.83 5.98
C PHE B 63 13.47 -0.58 5.16
N PHE B 64 13.03 -0.57 3.90
CA PHE B 64 13.35 0.54 3.01
C PHE B 64 12.64 1.83 3.43
N ASP B 65 11.39 1.72 3.88
CA ASP B 65 10.66 2.91 4.28
C ASP B 65 11.33 3.59 5.47
N ALA B 66 11.77 2.80 6.47
CA ALA B 66 12.45 3.39 7.61
C ALA B 66 13.76 4.04 7.20
N GLU B 67 14.46 3.47 6.21
CA GLU B 67 15.74 4.03 5.80
C GLU B 67 15.57 5.36 5.07
N ILE B 68 14.54 5.48 4.23
CA ILE B 68 14.35 6.73 3.51
C ILE B 68 13.71 7.81 4.39
N LYS B 69 13.04 7.43 5.48
CA LYS B 69 12.57 8.43 6.42
C LYS B 69 13.73 9.16 7.07
N LYS B 70 14.84 8.46 7.31
CA LYS B 70 16.03 9.10 7.87
C LYS B 70 16.60 10.14 6.91
N LEU B 71 16.46 9.92 5.60
CA LEU B 71 16.96 10.85 4.61
C LEU B 71 16.02 12.02 4.35
N GLY B 72 14.89 12.08 5.04
CA GLY B 72 13.93 13.15 4.85
C GLY B 72 12.87 12.87 3.81
N VAL B 73 12.70 11.63 3.38
CA VAL B 73 11.71 11.28 2.37
C VAL B 73 10.38 11.00 3.07
N GLU B 74 9.29 11.48 2.48
CA GLU B 74 7.97 11.32 3.05
C GLU B 74 7.06 10.59 2.08
N ASN B 75 6.17 9.76 2.61
CA ASN B 75 5.25 8.99 1.79
C ASN B 75 4.04 9.81 1.39
N CYS B 76 3.48 9.47 0.23
CA CYS B 76 2.34 10.16 -0.35
C CYS B 76 1.70 9.21 -1.35
N TYR B 77 0.70 9.71 -2.09
CA TYR B 77 0.12 8.93 -3.17
C TYR B 77 -0.45 9.88 -4.23
N PHE B 78 0.04 9.74 -5.45
CA PHE B 78 -0.39 10.49 -6.61
C PHE B 78 -1.35 9.66 -7.46
N PRO B 79 -2.19 10.32 -8.27
CA PRO B 79 -3.15 9.55 -9.08
C PRO B 79 -2.47 8.65 -10.09
N MET B 80 -3.18 7.59 -10.48
CA MET B 80 -2.68 6.63 -11.45
C MET B 80 -2.95 7.04 -12.89
N PHE B 81 -3.82 8.01 -13.12
CA PHE B 81 -4.14 8.44 -14.47
C PHE B 81 -3.25 9.59 -14.90
N VAL B 82 -2.84 9.57 -16.17
CA VAL B 82 -2.00 10.59 -16.76
C VAL B 82 -2.73 11.17 -17.97
N SER B 83 -2.71 12.49 -18.09
CA SER B 83 -3.20 13.14 -19.30
C SER B 83 -2.18 12.98 -20.42
N GLN B 84 -2.67 13.01 -21.65
CA GLN B 84 -1.78 12.90 -22.80
C GLN B 84 -0.96 14.17 -23.02
N SER B 85 -1.41 15.31 -22.51
CA SER B 85 -0.62 16.54 -22.62
C SER B 85 0.55 16.53 -21.66
N ALA B 86 0.33 16.06 -20.42
CA ALA B 86 1.44 15.98 -19.47
C ALA B 86 2.39 14.85 -19.82
N LEU B 87 1.88 13.76 -20.39
CA LEU B 87 2.74 12.64 -20.77
C LEU B 87 3.72 13.04 -21.86
N GLU B 88 3.32 13.94 -22.76
CA GLU B 88 4.15 14.37 -23.87
C GLU B 88 4.92 15.65 -23.58
N LYS B 89 5.05 16.01 -22.30
CA LYS B 89 5.78 17.24 -21.96
C LYS B 89 7.28 17.07 -22.13
N GLU B 90 7.79 15.88 -21.81
CA GLU B 90 9.19 15.52 -22.02
C GLU B 90 9.24 14.54 -23.18
N LYS B 91 9.73 14.99 -24.33
CA LYS B 91 9.64 14.19 -25.55
C LYS B 91 10.49 12.92 -25.46
N THR B 92 11.71 13.03 -24.91
CA THR B 92 12.58 11.87 -24.82
C THR B 92 12.00 10.81 -23.90
N HIS B 93 11.32 11.24 -22.83
CA HIS B 93 10.76 10.29 -21.88
C HIS B 93 9.55 9.56 -22.46
N VAL B 94 8.66 10.29 -23.14
CA VAL B 94 7.45 9.67 -23.67
C VAL B 94 7.76 8.79 -24.87
N ALA B 95 8.85 9.10 -25.59
CA ALA B 95 9.17 8.33 -26.79
C ALA B 95 9.56 6.90 -26.46
N ASP B 96 10.06 6.63 -25.25
CA ASP B 96 10.48 5.29 -24.87
C ASP B 96 9.38 4.50 -24.19
N PHE B 97 8.50 5.16 -23.45
CA PHE B 97 7.43 4.48 -22.73
C PHE B 97 6.14 4.34 -23.53
N ALA B 98 6.03 5.03 -24.66
CA ALA B 98 4.78 5.05 -25.43
C ALA B 98 4.23 3.67 -25.78
N PRO B 99 5.01 2.71 -26.29
CA PRO B 99 4.40 1.44 -26.71
C PRO B 99 3.91 0.58 -25.55
N GLU B 100 4.32 0.85 -24.32
CA GLU B 100 3.96 0.02 -23.18
C GLU B 100 2.98 0.72 -22.24
N VAL B 101 2.33 1.78 -22.72
CA VAL B 101 1.38 2.56 -21.91
C VAL B 101 -0.03 2.04 -22.19
N ALA B 102 -0.71 1.61 -21.13
CA ALA B 102 -2.10 1.19 -21.23
C ALA B 102 -3.01 2.41 -21.21
N TRP B 103 -3.91 2.50 -22.20
CA TRP B 103 -4.76 3.66 -22.39
C TRP B 103 -6.20 3.31 -22.08
N VAL B 104 -6.82 4.08 -21.18
CA VAL B 104 -8.24 3.97 -20.92
C VAL B 104 -8.99 4.75 -22.00
N THR B 105 -9.85 4.06 -22.75
CA THR B 105 -10.57 4.68 -23.85
C THR B 105 -12.08 4.62 -23.72
N ARG B 106 -12.62 3.89 -22.76
CA ARG B 106 -14.07 3.74 -22.64
C ARG B 106 -14.49 3.77 -21.18
N SER B 107 -15.65 4.36 -20.93
CA SER B 107 -16.29 4.35 -19.61
C SER B 107 -17.53 3.46 -19.73
N GLY B 108 -17.38 2.20 -19.38
CA GLY B 108 -18.45 1.24 -19.55
C GLY B 108 -18.65 0.86 -21.01
N LYS B 109 -19.70 1.40 -21.63
CA LYS B 109 -19.97 1.16 -23.04
C LYS B 109 -19.86 2.42 -23.88
N THR B 110 -19.41 3.53 -23.29
CA THR B 110 -19.30 4.80 -23.98
C THR B 110 -17.83 5.17 -24.13
N GLU B 111 -17.43 5.47 -25.37
CA GLU B 111 -16.04 5.82 -25.64
C GLU B 111 -15.76 7.26 -25.22
N LEU B 112 -14.65 7.45 -24.53
CA LEU B 112 -14.29 8.79 -24.06
C LEU B 112 -13.87 9.67 -25.22
N ALA B 113 -14.05 10.98 -25.05
CA ALA B 113 -13.63 11.93 -26.08
C ALA B 113 -12.11 11.99 -26.20
N GLU B 114 -11.42 12.02 -25.07
CA GLU B 114 -9.95 12.00 -25.05
C GLU B 114 -9.51 10.85 -24.14
N PRO B 115 -8.78 9.88 -24.64
CA PRO B 115 -8.33 8.78 -23.79
C PRO B 115 -7.27 9.24 -22.79
N ILE B 116 -7.26 8.58 -21.63
CA ILE B 116 -6.27 8.86 -20.60
C ILE B 116 -5.44 7.61 -20.37
N ALA B 117 -4.24 7.82 -19.86
CA ALA B 117 -3.24 6.76 -19.74
C ALA B 117 -3.09 6.30 -18.30
N ILE B 118 -2.76 5.01 -18.16
CA ILE B 118 -2.36 4.44 -16.87
C ILE B 118 -0.85 4.64 -16.72
N ARG B 119 -0.43 5.07 -15.55
CA ARG B 119 0.96 5.45 -15.35
C ARG B 119 1.89 4.25 -15.56
N PRO B 120 2.89 4.37 -16.43
CA PRO B 120 3.99 3.38 -16.41
C PRO B 120 5.04 3.81 -15.40
N THR B 121 4.99 5.09 -15.04
CA THR B 121 5.82 5.73 -14.03
C THR B 121 5.22 7.11 -13.78
N SER B 122 5.56 7.71 -12.63
CA SER B 122 4.83 8.86 -12.14
C SER B 122 5.56 10.19 -12.32
N GLU B 123 6.61 10.24 -13.15
CA GLU B 123 7.30 11.50 -13.39
C GLU B 123 6.34 12.55 -13.95
N THR B 124 5.60 12.20 -15.01
CA THR B 124 4.68 13.15 -15.62
C THR B 124 3.45 13.43 -14.78
N VAL B 125 3.21 12.64 -13.73
CA VAL B 125 2.08 12.90 -12.83
C VAL B 125 2.48 13.87 -11.72
N MET B 126 3.65 13.68 -11.13
CA MET B 126 4.06 14.40 -9.94
C MET B 126 4.68 15.76 -10.24
N TYR B 127 5.43 15.87 -11.33
CA TYR B 127 6.26 17.06 -11.56
C TYR B 127 5.43 18.30 -11.89
N PRO B 128 4.27 18.19 -12.53
CA PRO B 128 3.36 19.35 -12.56
C PRO B 128 3.02 19.85 -11.17
N ALA B 129 2.83 18.94 -10.21
CA ALA B 129 2.57 19.36 -8.83
C ALA B 129 3.82 19.97 -8.19
N TYR B 130 5.01 19.47 -8.54
CA TYR B 130 6.24 20.05 -8.01
C TYR B 130 6.39 21.50 -8.46
N ALA B 131 5.96 21.80 -9.69
CA ALA B 131 6.08 23.16 -10.20
C ALA B 131 5.24 24.14 -9.38
N LYS B 132 4.04 23.71 -8.96
CA LYS B 132 3.20 24.57 -8.13
C LYS B 132 3.78 24.73 -6.73
N TRP B 133 4.41 23.67 -6.20
CA TRP B 133 4.91 23.70 -4.84
C TRP B 133 6.24 24.42 -4.70
N VAL B 134 7.02 24.52 -5.77
CA VAL B 134 8.34 25.13 -5.73
C VAL B 134 8.23 26.54 -6.26
N GLN B 135 8.41 27.52 -5.37
CA GLN B 135 8.44 28.91 -5.77
C GLN B 135 9.67 29.59 -5.18
N SER B 136 10.09 29.14 -4.00
CA SER B 136 11.20 29.75 -3.27
C SER B 136 12.24 28.69 -2.94
N HIS B 137 13.41 29.18 -2.52
CA HIS B 137 14.49 28.30 -2.11
C HIS B 137 14.13 27.50 -0.86
N ARG B 138 13.27 28.06 0.00
CA ARG B 138 12.84 27.33 1.19
C ARG B 138 11.98 26.12 0.88
N ASP B 139 11.40 26.06 -0.32
CA ASP B 139 10.55 24.94 -0.71
C ASP B 139 11.34 23.69 -1.07
N LEU B 140 12.67 23.76 -1.09
CA LEU B 140 13.53 22.65 -1.44
C LEU B 140 14.37 22.21 -0.25
N PRO B 141 14.76 20.93 -0.18
CA PRO B 141 14.43 19.87 -1.15
C PRO B 141 13.06 19.24 -0.93
N ILE B 142 12.46 18.75 -2.01
CA ILE B 142 11.26 17.93 -1.96
C ILE B 142 11.68 16.48 -2.11
N LYS B 143 11.26 15.63 -1.18
CA LYS B 143 11.60 14.19 -1.22
C LYS B 143 10.32 13.42 -0.92
N LEU B 144 9.68 12.92 -1.96
CA LEU B 144 8.42 12.19 -1.83
C LEU B 144 8.58 10.77 -2.36
N ASN B 145 7.84 9.85 -1.74
CA ASN B 145 7.85 8.45 -2.13
C ASN B 145 6.43 7.90 -2.07
N GLN B 146 6.14 6.93 -2.93
CA GLN B 146 4.85 6.25 -2.88
C GLN B 146 5.05 4.78 -3.17
N TRP B 147 4.35 3.95 -2.40
CA TRP B 147 4.24 2.52 -2.65
C TRP B 147 2.94 2.29 -3.40
N CYS B 148 3.03 1.89 -4.65
CA CYS B 148 1.86 1.81 -5.52
C CYS B 148 2.09 0.76 -6.59
N ASN B 149 1.08 0.58 -7.43
CA ASN B 149 1.15 -0.30 -8.57
C ASN B 149 1.37 0.51 -9.85
N VAL B 150 1.97 -0.13 -10.84
CA VAL B 150 2.26 0.52 -12.11
C VAL B 150 2.09 -0.51 -13.22
N VAL B 151 1.72 -0.02 -14.40
CA VAL B 151 1.39 -0.89 -15.53
C VAL B 151 2.33 -0.57 -16.68
N ARG B 152 3.08 -1.58 -17.13
CA ARG B 152 3.92 -1.48 -18.32
C ARG B 152 3.59 -2.67 -19.20
N TRP B 153 2.87 -2.43 -20.29
CA TRP B 153 2.29 -3.49 -21.12
C TRP B 153 3.34 -3.99 -22.12
N GLU B 154 4.30 -4.75 -21.60
CA GLU B 154 5.30 -5.40 -22.43
C GLU B 154 4.68 -6.63 -23.09
N PHE B 155 4.70 -6.67 -24.42
CA PHE B 155 4.15 -7.80 -25.15
C PHE B 155 5.08 -9.00 -25.18
N LYS B 156 6.26 -8.90 -24.59
CA LYS B 156 7.14 -10.06 -24.46
C LYS B 156 6.54 -11.06 -23.49
N HIS B 157 6.88 -12.34 -23.68
CA HIS B 157 6.34 -13.44 -22.90
C HIS B 157 6.61 -13.22 -21.42
N PRO B 158 5.58 -12.96 -20.62
CA PRO B 158 5.78 -12.56 -19.23
C PRO B 158 6.14 -13.75 -18.34
N GLN B 159 6.57 -13.40 -17.11
CA GLN B 159 6.97 -14.37 -16.12
C GLN B 159 6.72 -13.71 -14.77
N PRO B 160 6.12 -14.40 -13.80
CA PRO B 160 5.81 -13.78 -12.52
C PRO B 160 7.05 -13.18 -11.86
N PHE B 161 6.85 -12.04 -11.19
CA PHE B 161 7.90 -11.30 -10.50
C PHE B 161 8.93 -10.70 -11.45
N LEU B 162 9.48 -11.51 -12.34
CA LEU B 162 10.59 -11.06 -13.18
C LEU B 162 10.11 -10.11 -14.27
N ARG B 163 9.11 -10.52 -15.06
CA ARG B 163 8.59 -9.72 -16.17
C ARG B 163 7.06 -9.76 -16.09
N THR B 164 6.47 -8.75 -15.46
CA THR B 164 5.04 -8.65 -15.30
C THR B 164 4.52 -7.41 -16.01
N ARG B 165 3.22 -7.41 -16.30
CA ARG B 165 2.60 -6.23 -16.92
C ARG B 165 2.18 -5.22 -15.86
N GLU B 166 1.69 -5.70 -14.73
CA GLU B 166 1.41 -4.88 -13.56
C GLU B 166 2.26 -5.38 -12.40
N PHE B 167 2.89 -4.45 -11.69
CA PHE B 167 3.68 -4.83 -10.53
C PHE B 167 3.64 -3.73 -9.48
N LEU B 168 3.95 -4.11 -8.25
CA LEU B 168 4.08 -3.16 -7.16
C LEU B 168 5.51 -2.68 -7.08
N TRP B 169 5.68 -1.44 -6.63
CA TRP B 169 7.01 -0.89 -6.44
C TRP B 169 6.91 0.29 -5.48
N GLN B 170 8.07 0.83 -5.12
CA GLN B 170 8.16 2.17 -4.59
C GLN B 170 8.85 3.05 -5.63
N GLU B 171 8.44 4.31 -5.70
CA GLU B 171 9.11 5.28 -6.55
C GLU B 171 9.31 6.56 -5.76
N GLY B 172 10.56 6.94 -5.58
CA GLY B 172 10.89 8.19 -4.90
C GLY B 172 11.29 9.24 -5.93
N HIS B 173 10.81 10.46 -5.72
CA HIS B 173 11.09 11.57 -6.61
C HIS B 173 11.57 12.75 -5.78
N SER B 174 12.81 13.18 -6.01
CA SER B 174 13.43 14.22 -5.22
C SER B 174 13.87 15.37 -6.13
N ALA B 175 13.71 16.60 -5.62
CA ALA B 175 14.17 17.80 -6.28
C ALA B 175 15.08 18.58 -5.35
N PHE B 176 16.17 19.10 -5.88
CA PHE B 176 17.18 19.78 -5.07
C PHE B 176 17.53 21.12 -5.71
N ALA B 177 18.09 22.01 -4.89
CA ALA B 177 18.55 23.30 -5.38
C ALA B 177 19.92 23.19 -6.05
N THR B 178 20.73 22.21 -5.68
CA THR B 178 22.07 22.05 -6.21
C THR B 178 22.25 20.65 -6.78
N MET B 179 23.30 20.49 -7.58
CA MET B 179 23.59 19.19 -8.19
C MET B 179 24.32 18.27 -7.22
N GLU B 180 25.17 18.82 -6.37
CA GLU B 180 25.95 17.99 -5.45
C GLU B 180 25.04 17.18 -4.53
N GLU B 181 24.05 17.84 -3.92
CA GLU B 181 23.14 17.12 -3.04
C GLU B 181 22.25 16.17 -3.82
N ALA B 182 21.88 16.52 -5.06
CA ALA B 182 21.11 15.62 -5.89
C ALA B 182 21.93 14.39 -6.30
N ALA B 183 23.18 14.62 -6.71
CA ALA B 183 24.05 13.49 -7.05
C ALA B 183 24.36 12.63 -5.83
N GLU B 184 24.38 13.23 -4.64
CA GLU B 184 24.65 12.47 -3.43
C GLU B 184 23.52 11.52 -3.10
N GLU B 185 22.26 11.95 -3.33
CA GLU B 185 21.13 11.09 -3.03
C GLU B 185 21.10 9.88 -3.95
N VAL B 186 21.55 10.04 -5.20
CA VAL B 186 21.53 8.93 -6.16
C VAL B 186 22.33 7.75 -5.61
N LEU B 187 23.54 8.01 -5.13
CA LEU B 187 24.36 6.94 -4.57
C LEU B 187 23.85 6.46 -3.21
N GLN B 188 23.13 7.31 -2.47
CA GLN B 188 22.55 6.88 -1.20
C GLN B 188 21.44 5.87 -1.42
N ILE B 189 20.54 6.16 -2.36
CA ILE B 189 19.44 5.24 -2.65
C ILE B 189 19.97 3.96 -3.28
N LEU B 190 21.02 4.08 -4.11
CA LEU B 190 21.58 2.89 -4.74
C LEU B 190 22.17 1.94 -3.71
N ASP B 191 22.87 2.48 -2.71
CA ASP B 191 23.42 1.63 -1.65
C ASP B 191 22.32 1.01 -0.80
N LEU B 192 21.18 1.68 -0.67
CA LEU B 192 20.04 1.08 0.03
C LEU B 192 19.48 -0.10 -0.77
N TYR B 193 19.36 0.04 -2.09
CA TYR B 193 18.97 -1.09 -2.92
C TYR B 193 19.96 -2.22 -2.80
N ALA B 194 21.25 -1.90 -2.66
CA ALA B 194 22.26 -2.94 -2.45
C ALA B 194 22.09 -3.61 -1.09
N GLN B 195 21.71 -2.84 -0.07
CA GLN B 195 21.44 -3.45 1.23
C GLN B 195 20.23 -4.38 1.17
N VAL B 196 19.20 -4.00 0.41
CA VAL B 196 18.01 -4.85 0.30
C VAL B 196 18.37 -6.21 -0.27
N TYR B 197 19.22 -6.24 -1.30
CA TYR B 197 19.57 -7.51 -1.92
C TYR B 197 20.60 -8.28 -1.09
N GLU B 198 21.63 -7.58 -0.59
CA GLU B 198 22.72 -8.27 0.10
C GLU B 198 22.40 -8.56 1.55
N GLU B 199 21.86 -7.58 2.28
CA GLU B 199 21.62 -7.77 3.71
C GLU B 199 20.32 -8.51 3.99
N LEU B 200 19.27 -8.20 3.24
CA LEU B 200 17.97 -8.82 3.48
C LEU B 200 17.80 -10.12 2.68
N LEU B 201 17.98 -10.04 1.37
CA LEU B 201 17.73 -11.18 0.49
C LEU B 201 18.95 -12.07 0.30
N ALA B 202 20.10 -11.69 0.84
CA ALA B 202 21.34 -12.47 0.73
C ALA B 202 21.72 -12.72 -0.73
N ILE B 203 21.57 -11.68 -1.55
CA ILE B 203 21.87 -11.75 -2.98
C ILE B 203 22.96 -10.73 -3.28
N PRO B 204 24.14 -11.16 -3.75
CA PRO B 204 25.18 -10.19 -4.13
C PRO B 204 24.84 -9.53 -5.46
N VAL B 205 25.11 -8.22 -5.53
CA VAL B 205 24.81 -7.44 -6.72
C VAL B 205 26.03 -6.63 -7.11
N VAL B 206 26.00 -6.14 -8.35
CA VAL B 206 27.06 -5.30 -8.90
C VAL B 206 26.49 -3.92 -9.13
N LYS B 207 27.14 -2.91 -8.54
CA LYS B 207 26.75 -1.52 -8.76
C LYS B 207 27.36 -1.02 -10.07
N GLY B 208 26.59 -0.22 -10.80
CA GLY B 208 27.11 0.31 -12.05
C GLY B 208 26.19 1.36 -12.63
N ARG B 209 26.63 1.91 -13.75
CA ARG B 209 25.86 2.90 -14.52
C ARG B 209 25.43 2.27 -15.83
N LYS B 210 24.18 2.54 -16.23
CA LYS B 210 23.68 1.98 -17.48
C LYS B 210 24.25 2.75 -18.67
N THR B 211 24.34 2.07 -19.80
CA THR B 211 24.84 2.68 -21.01
C THR B 211 23.84 3.70 -21.56
N GLU B 212 24.27 4.44 -22.59
CA GLU B 212 23.41 5.43 -23.21
C GLU B 212 22.15 4.78 -23.78
N LYS B 213 22.27 3.57 -24.31
CA LYS B 213 21.12 2.89 -24.90
C LYS B 213 20.13 2.43 -23.84
N GLU B 214 20.63 2.02 -22.67
CA GLU B 214 19.80 1.40 -21.64
C GLU B 214 19.44 2.34 -20.50
N LYS B 215 19.88 3.59 -20.53
CA LYS B 215 19.56 4.50 -19.45
C LYS B 215 18.10 4.95 -19.52
N PHE B 216 17.61 5.49 -18.41
CA PHE B 216 16.27 6.06 -18.34
C PHE B 216 16.16 7.21 -19.33
N ALA B 217 15.31 7.04 -20.35
CA ALA B 217 15.19 8.06 -21.40
C ALA B 217 14.68 9.36 -20.81
N GLY B 218 15.37 10.46 -21.15
CA GLY B 218 15.06 11.77 -20.63
C GLY B 218 15.90 12.17 -19.44
N GLY B 219 16.50 11.22 -18.73
CA GLY B 219 17.34 11.53 -17.60
C GLY B 219 18.76 11.86 -17.99
N ASP B 220 19.58 12.15 -16.98
CA ASP B 220 20.99 12.44 -17.20
C ASP B 220 21.81 11.15 -17.17
N TYR B 221 21.74 10.40 -16.07
CA TYR B 221 22.38 9.10 -16.02
C TYR B 221 21.59 8.19 -15.10
N THR B 222 21.77 6.88 -15.31
CA THR B 222 21.06 5.86 -14.56
C THR B 222 22.08 4.94 -13.90
N THR B 223 21.97 4.80 -12.58
CA THR B 223 22.71 3.80 -11.84
C THR B 223 21.80 2.61 -11.55
N THR B 224 22.40 1.44 -11.44
CA THR B 224 21.62 0.21 -11.28
C THR B 224 22.42 -0.83 -10.53
N ILE B 225 21.72 -1.83 -10.02
CA ILE B 225 22.33 -3.02 -9.42
C ILE B 225 21.91 -4.21 -10.27
N GLU B 226 22.88 -5.05 -10.62
CA GLU B 226 22.66 -6.20 -11.49
C GLU B 226 22.95 -7.47 -10.70
N ALA B 227 21.96 -8.36 -10.64
CA ALA B 227 22.13 -9.66 -10.03
C ALA B 227 22.29 -10.72 -11.12
N PHE B 228 22.86 -11.85 -10.73
CA PHE B 228 23.12 -12.94 -11.66
C PHE B 228 22.38 -14.20 -11.21
N ILE B 229 21.73 -14.86 -12.17
CA ILE B 229 20.98 -16.09 -11.91
C ILE B 229 21.78 -17.23 -12.52
N SER B 230 22.46 -18.00 -11.66
CA SER B 230 23.34 -19.06 -12.13
C SER B 230 22.58 -20.23 -12.76
N ALA B 231 21.29 -20.37 -12.45
CA ALA B 231 20.52 -21.47 -13.03
C ALA B 231 20.26 -21.26 -14.51
N SER B 232 20.18 -20.00 -14.95
CA SER B 232 19.93 -19.68 -16.35
C SER B 232 21.09 -18.97 -17.02
N GLY B 233 22.12 -18.58 -16.29
CA GLY B 233 23.22 -17.85 -16.88
C GLY B 233 22.92 -16.43 -17.28
N ARG B 234 21.72 -15.93 -16.96
CA ARG B 234 21.31 -14.58 -17.32
C ARG B 234 21.37 -13.67 -16.10
N ALA B 235 21.66 -12.40 -16.36
CA ALA B 235 21.62 -11.37 -15.34
C ALA B 235 20.30 -10.62 -15.41
N ILE B 236 20.00 -9.90 -14.34
CA ILE B 236 18.72 -9.20 -14.25
C ILE B 236 18.92 -7.89 -13.49
N GLN B 237 18.23 -6.85 -13.93
CA GLN B 237 18.28 -5.55 -13.27
C GLN B 237 17.44 -5.59 -12.01
N GLY B 238 18.07 -5.30 -10.87
CA GLY B 238 17.43 -5.36 -9.58
C GLY B 238 16.86 -4.07 -9.05
N GLY B 239 17.07 -2.96 -9.72
CA GLY B 239 16.64 -1.66 -9.26
C GLY B 239 17.50 -0.58 -9.87
N THR B 240 16.94 0.64 -9.93
CA THR B 240 17.61 1.74 -10.61
C THR B 240 17.44 3.03 -9.80
N SER B 241 18.47 3.87 -9.87
CA SER B 241 18.47 5.18 -9.25
C SER B 241 18.99 6.18 -10.28
N HIS B 242 18.11 7.03 -10.78
CA HIS B 242 18.44 7.93 -11.88
C HIS B 242 18.69 9.34 -11.36
N HIS B 243 19.66 10.01 -11.96
CA HIS B 243 19.80 11.46 -11.82
C HIS B 243 19.16 12.08 -13.06
N LEU B 244 18.07 12.81 -12.85
CA LEU B 244 17.34 13.41 -13.96
C LEU B 244 17.92 14.76 -14.39
N GLY B 245 18.80 15.35 -13.59
CA GLY B 245 19.33 16.66 -13.91
C GLY B 245 18.23 17.71 -13.92
N GLN B 246 18.26 18.56 -14.93
CA GLN B 246 17.25 19.59 -15.12
C GLN B 246 16.39 19.33 -16.35
N ASN B 247 16.46 18.11 -16.92
CA ASN B 247 15.72 17.81 -18.13
C ASN B 247 14.21 17.85 -17.90
N PHE B 248 13.76 17.40 -16.73
CA PHE B 248 12.34 17.40 -16.42
C PHE B 248 11.88 18.73 -15.83
N SER B 249 12.73 19.36 -15.01
CA SER B 249 12.37 20.65 -14.42
C SER B 249 12.28 21.74 -15.49
N LYS B 250 12.99 21.60 -16.60
CA LYS B 250 12.86 22.57 -17.68
C LYS B 250 11.55 22.42 -18.43
N MET B 251 11.05 21.18 -18.57
CA MET B 251 9.84 20.95 -19.33
C MET B 251 8.58 21.22 -18.51
N PHE B 252 8.62 20.93 -17.21
CA PHE B 252 7.49 21.19 -16.33
C PHE B 252 7.63 22.49 -15.54
N GLU B 253 8.69 23.27 -15.80
CA GLU B 253 8.89 24.58 -15.20
C GLU B 253 8.92 24.50 -13.68
N ILE B 254 9.83 23.69 -13.16
CA ILE B 254 10.04 23.56 -11.72
C ILE B 254 11.20 24.50 -11.39
N VAL B 255 10.86 25.75 -11.07
CA VAL B 255 11.84 26.80 -10.87
C VAL B 255 11.69 27.38 -9.48
N PHE B 256 12.80 27.85 -8.92
CA PHE B 256 12.82 28.50 -7.62
C PHE B 256 13.63 29.79 -7.70
N GLU B 257 13.22 30.78 -6.92
CA GLU B 257 13.93 32.05 -6.90
C GLU B 257 15.27 31.91 -6.19
N ASP B 258 16.27 32.62 -6.70
CA ASP B 258 17.60 32.57 -6.12
C ASP B 258 17.57 33.15 -4.71
N PRO B 259 18.19 32.49 -3.73
CA PRO B 259 18.16 33.01 -2.35
C PRO B 259 18.95 34.28 -2.16
N LYS B 260 19.92 34.59 -3.03
CA LYS B 260 20.76 35.76 -2.87
C LYS B 260 20.66 36.78 -4.00
N ILE B 261 20.38 36.34 -5.22
CA ILE B 261 20.32 37.23 -6.38
C ILE B 261 18.86 37.56 -6.64
N PRO B 262 18.45 38.83 -6.56
CA PRO B 262 17.04 39.16 -6.72
C PRO B 262 16.55 38.89 -8.14
N GLY B 263 15.37 38.27 -8.23
CA GLY B 263 14.74 38.00 -9.51
C GLY B 263 15.27 36.79 -10.25
N GLU B 264 16.43 36.26 -9.87
CA GLU B 264 17.01 35.13 -10.57
C GLU B 264 16.32 33.83 -10.19
N LYS B 265 16.09 32.97 -11.17
CA LYS B 265 15.46 31.68 -10.98
C LYS B 265 16.32 30.59 -11.61
N GLN B 266 16.37 29.44 -10.94
CA GLN B 266 17.14 28.31 -11.45
C GLN B 266 16.23 27.08 -11.51
N PHE B 267 16.54 26.19 -12.45
CA PHE B 267 15.84 24.92 -12.54
C PHE B 267 16.37 23.96 -11.47
N ALA B 268 15.46 23.18 -10.91
CA ALA B 268 15.82 22.23 -9.87
C ALA B 268 16.49 21.00 -10.47
N TYR B 269 17.36 20.38 -9.68
CA TYR B 269 17.97 19.11 -10.05
C TYR B 269 17.15 17.98 -9.43
N GLN B 270 16.73 17.04 -10.26
CA GLN B 270 15.79 16.01 -9.83
C GLN B 270 16.40 14.62 -9.94
N ASN B 271 15.90 13.71 -9.10
CA ASN B 271 16.23 12.29 -9.15
C ASN B 271 14.94 11.49 -9.07
N SER B 272 15.02 10.24 -9.55
CA SER B 272 13.97 9.27 -9.34
C SER B 272 14.60 7.90 -9.16
N TRP B 273 13.96 7.05 -8.37
CA TRP B 273 14.50 5.74 -8.03
C TRP B 273 13.36 4.80 -7.68
N GLY B 274 13.49 3.55 -8.13
CA GLY B 274 12.41 2.60 -7.99
C GLY B 274 12.93 1.20 -7.68
N LEU B 275 12.15 0.49 -6.87
CA LEU B 275 12.43 -0.89 -6.51
C LEU B 275 11.12 -1.66 -6.57
N THR B 276 11.10 -2.75 -7.33
CA THR B 276 9.88 -3.49 -7.61
C THR B 276 9.91 -4.84 -6.93
N THR B 277 8.77 -5.54 -7.04
CA THR B 277 8.62 -6.90 -6.55
C THR B 277 9.48 -7.91 -7.30
N ARG B 278 10.26 -7.46 -8.29
CA ARG B 278 11.23 -8.34 -8.93
C ARG B 278 12.21 -8.92 -7.92
N THR B 279 12.42 -8.21 -6.80
CA THR B 279 13.27 -8.71 -5.72
C THR B 279 12.89 -10.13 -5.31
N ILE B 280 11.58 -10.39 -5.16
CA ILE B 280 11.13 -11.70 -4.73
C ILE B 280 11.44 -12.75 -5.80
N GLY B 281 11.32 -12.38 -7.07
CA GLY B 281 11.63 -13.32 -8.13
C GLY B 281 13.11 -13.69 -8.16
N VAL B 282 13.99 -12.70 -7.98
CA VAL B 282 15.41 -12.98 -7.93
C VAL B 282 15.75 -13.87 -6.74
N MET B 283 15.15 -13.58 -5.58
CA MET B 283 15.34 -14.43 -4.41
C MET B 283 14.92 -15.87 -4.70
N THR B 284 13.81 -16.04 -5.43
CA THR B 284 13.36 -17.38 -5.78
C THR B 284 14.32 -18.06 -6.75
N MET B 285 14.80 -17.31 -7.75
CA MET B 285 15.69 -17.90 -8.75
C MET B 285 17.05 -18.25 -8.15
N VAL B 286 17.55 -17.43 -7.23
CA VAL B 286 18.90 -17.63 -6.71
C VAL B 286 18.92 -18.72 -5.64
N HIS B 287 18.02 -18.64 -4.67
CA HIS B 287 18.08 -19.52 -3.51
C HIS B 287 17.17 -20.74 -3.60
N GLY B 288 16.23 -20.76 -4.54
CA GLY B 288 15.31 -21.88 -4.62
C GLY B 288 16.01 -23.15 -5.09
N ASP B 289 15.65 -24.27 -4.46
CA ASP B 289 16.21 -25.58 -4.79
C ASP B 289 15.08 -26.51 -5.22
N ASN B 290 15.41 -27.79 -5.37
CA ASN B 290 14.43 -28.77 -5.81
C ASN B 290 13.39 -29.09 -4.74
N MET B 291 13.72 -28.89 -3.46
CA MET B 291 12.74 -29.06 -2.39
C MET B 291 11.75 -27.90 -2.33
N GLY B 292 12.02 -26.80 -3.01
CA GLY B 292 11.08 -25.69 -3.03
C GLY B 292 11.73 -24.35 -2.78
N LEU B 293 10.96 -23.43 -2.18
CA LEU B 293 11.47 -22.11 -1.87
C LEU B 293 12.46 -22.19 -0.71
N VAL B 294 13.34 -21.18 -0.62
CA VAL B 294 14.29 -21.05 0.48
C VAL B 294 14.30 -19.57 0.87
N LEU B 295 13.81 -19.27 2.08
CA LEU B 295 13.70 -17.88 2.51
C LEU B 295 14.90 -17.48 3.33
N PRO B 296 15.59 -16.39 2.99
CA PRO B 296 16.57 -15.82 3.90
C PRO B 296 15.90 -15.42 5.20
N PRO B 297 16.48 -15.81 6.35
CA PRO B 297 15.81 -15.55 7.64
C PRO B 297 15.53 -14.09 7.93
N ARG B 298 16.18 -13.16 7.21
CA ARG B 298 15.94 -11.74 7.47
C ARG B 298 14.54 -11.33 7.02
N VAL B 299 14.06 -11.88 5.90
CA VAL B 299 12.75 -11.55 5.36
C VAL B 299 11.75 -12.69 5.53
N ALA B 300 12.12 -13.73 6.28
CA ALA B 300 11.23 -14.88 6.45
C ALA B 300 10.06 -14.51 7.33
N CYS B 301 8.85 -14.59 6.78
CA CYS B 301 7.64 -14.36 7.58
C CYS B 301 7.59 -15.31 8.77
N VAL B 302 7.99 -16.55 8.56
CA VAL B 302 8.10 -17.55 9.63
C VAL B 302 9.53 -18.07 9.59
N GLN B 303 10.32 -17.77 10.62
CA GLN B 303 11.70 -18.24 10.70
C GLN B 303 11.81 -19.63 11.29
N VAL B 304 10.91 -19.99 12.21
CA VAL B 304 10.91 -21.30 12.84
C VAL B 304 9.48 -21.81 12.89
N VAL B 305 9.27 -23.05 12.45
CA VAL B 305 7.96 -23.69 12.51
C VAL B 305 8.06 -24.91 13.42
N ILE B 306 7.13 -25.01 14.36
CA ILE B 306 7.10 -26.10 15.33
C ILE B 306 6.05 -27.11 14.89
N ILE B 307 6.47 -28.34 14.62
CA ILE B 307 5.57 -29.39 14.14
C ILE B 307 5.65 -30.58 15.08
N PRO B 308 4.57 -30.90 15.79
CA PRO B 308 4.59 -32.09 16.66
C PRO B 308 4.53 -33.37 15.83
N CYS B 309 5.43 -34.30 16.12
CA CYS B 309 5.53 -35.55 15.40
C CYS B 309 5.78 -36.69 16.37
N GLY B 310 5.06 -37.80 16.20
CA GLY B 310 5.22 -38.94 17.06
C GLY B 310 3.93 -39.67 17.38
N ILE B 311 2.82 -39.17 16.83
CA ILE B 311 1.52 -39.78 17.05
C ILE B 311 1.37 -41.04 16.21
N LEU B 315 0.24 -42.21 20.96
CA LEU B 315 -0.74 -43.20 21.39
C LEU B 315 -1.42 -42.79 22.69
N SER B 316 -0.60 -42.49 23.70
CA SER B 316 -1.12 -42.09 25.01
C SER B 316 -1.62 -40.65 24.93
N GLU B 317 -2.93 -40.47 25.07
CA GLU B 317 -3.50 -39.13 25.01
C GLU B 317 -3.09 -38.28 26.21
N GLU B 318 -2.79 -38.93 27.34
CA GLU B 318 -2.39 -38.17 28.53
C GLU B 318 -1.02 -37.52 28.34
N ASP B 319 -0.08 -38.25 27.72
CA ASP B 319 1.24 -37.67 27.45
C ASP B 319 1.21 -36.73 26.25
N LYS B 320 0.28 -36.94 25.32
CA LYS B 320 0.17 -36.04 24.17
C LYS B 320 -0.32 -34.66 24.59
N GLU B 321 -1.05 -34.57 25.71
CA GLU B 321 -1.45 -33.27 26.23
C GLU B 321 -0.23 -32.44 26.63
N ALA B 322 0.76 -33.08 27.26
CA ALA B 322 2.01 -32.41 27.56
C ALA B 322 2.88 -32.21 26.33
N LEU B 323 2.56 -32.88 25.22
CA LEU B 323 3.34 -32.71 23.99
C LEU B 323 3.01 -31.38 23.32
N ILE B 324 1.73 -31.06 23.18
CA ILE B 324 1.34 -29.77 22.64
C ILE B 324 1.79 -28.64 23.57
N ALA B 325 1.78 -28.90 24.88
CA ALA B 325 2.28 -27.90 25.82
C ALA B 325 3.76 -27.62 25.62
N LYS B 326 4.53 -28.63 25.20
CA LYS B 326 5.95 -28.40 24.91
C LYS B 326 6.13 -27.56 23.66
N CYS B 327 5.29 -27.79 22.64
CA CYS B 327 5.33 -26.95 21.45
C CYS B 327 4.96 -25.52 21.77
N ASN B 328 3.90 -25.33 22.58
CA ASN B 328 3.56 -23.99 23.04
C ASN B 328 4.64 -23.42 23.95
N ASP B 329 5.34 -24.28 24.68
CA ASP B 329 6.47 -23.82 25.50
C ASP B 329 7.58 -23.27 24.61
N TYR B 330 7.94 -24.02 23.55
CA TYR B 330 8.91 -23.51 22.59
C TYR B 330 8.37 -22.31 21.83
N ARG B 331 7.06 -22.29 21.55
CA ARG B 331 6.48 -21.16 20.83
C ARG B 331 6.57 -19.88 21.64
N ARG B 332 6.43 -19.98 22.97
CA ARG B 332 6.44 -18.79 23.82
C ARG B 332 7.84 -18.23 23.98
N ARG B 333 8.80 -19.06 24.40
CA ARG B 333 10.13 -18.56 24.71
C ARG B 333 10.92 -18.19 23.46
N LEU B 334 10.55 -18.71 22.29
CA LEU B 334 11.19 -18.27 21.05
C LEU B 334 10.75 -16.86 20.67
N LEU B 335 9.55 -16.46 21.07
CA LEU B 335 9.08 -15.10 20.84
C LEU B 335 9.74 -14.09 21.76
N SER B 336 10.42 -14.54 22.82
CA SER B 336 11.08 -13.60 23.72
C SER B 336 12.21 -12.85 23.03
N VAL B 337 12.94 -13.53 22.14
CA VAL B 337 14.00 -12.90 21.38
C VAL B 337 13.43 -12.46 20.04
N ASN B 338 12.09 -12.36 19.97
CA ASN B 338 11.37 -11.91 18.79
C ASN B 338 11.71 -12.75 17.54
N ILE B 339 12.08 -14.01 17.76
CA ILE B 339 12.26 -14.94 16.65
C ILE B 339 10.88 -15.33 16.15
N ARG B 340 10.57 -14.94 14.90
CA ARG B 340 9.26 -15.22 14.33
C ARG B 340 9.03 -16.72 14.23
N VAL B 341 8.20 -17.26 15.12
CA VAL B 341 7.97 -18.69 15.24
C VAL B 341 6.48 -18.96 15.10
N ARG B 342 6.14 -20.02 14.37
CA ARG B 342 4.75 -20.46 14.19
C ARG B 342 4.63 -21.90 14.64
N ALA B 343 3.62 -22.18 15.47
CA ALA B 343 3.38 -23.52 16.00
C ALA B 343 2.25 -24.15 15.20
N ASP B 344 2.59 -25.06 14.29
CA ASP B 344 1.61 -25.76 13.48
C ASP B 344 1.03 -26.89 14.31
N LEU B 345 -0.02 -26.59 15.08
CA LEU B 345 -0.66 -27.55 15.96
C LEU B 345 -1.99 -28.05 15.39
N ARG B 346 -2.16 -28.01 14.08
CA ARG B 346 -3.41 -28.46 13.47
C ARG B 346 -3.52 -29.98 13.56
N ASP B 347 -4.68 -30.46 14.01
CA ASP B 347 -4.92 -31.89 14.15
C ASP B 347 -5.64 -32.47 12.95
N ASN B 348 -5.68 -31.74 11.83
CA ASN B 348 -6.33 -32.22 10.60
C ASN B 348 -5.32 -32.45 9.49
N TYR B 349 -4.04 -32.62 9.82
CA TYR B 349 -3.01 -32.84 8.83
C TYR B 349 -1.89 -33.67 9.45
N SER B 350 -1.33 -34.58 8.66
CA SER B 350 -0.23 -35.41 9.12
C SER B 350 1.02 -34.56 9.37
N PRO B 351 1.86 -34.95 10.33
CA PRO B 351 3.13 -34.24 10.50
C PRO B 351 4.02 -34.33 9.27
N GLY B 352 4.02 -35.47 8.56
CA GLY B 352 4.76 -35.55 7.32
C GLY B 352 4.26 -34.59 6.28
N TRP B 353 2.94 -34.37 6.24
CA TRP B 353 2.38 -33.35 5.36
C TRP B 353 2.89 -31.96 5.74
N LYS B 354 2.95 -31.68 7.04
CA LYS B 354 3.42 -30.37 7.49
C LYS B 354 4.91 -30.19 7.23
N PHE B 355 5.69 -31.28 7.27
CA PHE B 355 7.12 -31.18 6.98
C PHE B 355 7.34 -30.66 5.56
N ASN B 356 6.70 -31.28 4.57
CA ASN B 356 6.91 -30.86 3.19
C ASN B 356 6.19 -29.55 2.88
N HIS B 357 5.10 -29.27 3.60
CA HIS B 357 4.37 -28.02 3.39
C HIS B 357 5.23 -26.81 3.72
N TRP B 358 5.84 -26.82 4.92
CA TRP B 358 6.70 -25.72 5.32
C TRP B 358 8.05 -25.74 4.63
N GLU B 359 8.46 -26.89 4.08
CA GLU B 359 9.67 -26.92 3.25
C GLU B 359 9.44 -26.22 1.93
N LEU B 360 8.28 -26.44 1.31
CA LEU B 360 7.96 -25.76 0.06
C LEU B 360 7.91 -24.25 0.26
N LYS B 361 7.38 -23.80 1.40
CA LYS B 361 7.29 -22.38 1.72
C LYS B 361 8.62 -21.77 2.10
N GLY B 362 9.62 -22.59 2.42
CA GLY B 362 10.96 -22.08 2.64
C GLY B 362 11.26 -21.62 4.06
N VAL B 363 10.57 -22.15 5.06
CA VAL B 363 10.87 -21.77 6.45
C VAL B 363 12.29 -22.19 6.78
N PRO B 364 13.14 -21.29 7.29
CA PRO B 364 14.56 -21.64 7.48
C PRO B 364 14.80 -22.80 8.44
N ILE B 365 14.06 -22.86 9.55
CA ILE B 365 14.26 -23.90 10.56
C ILE B 365 12.94 -24.59 10.82
N ARG B 366 12.96 -25.92 10.83
CA ARG B 366 11.83 -26.73 11.28
C ARG B 366 12.16 -27.31 12.65
N LEU B 367 11.33 -26.97 13.64
CA LEU B 367 11.50 -27.47 15.00
C LEU B 367 10.54 -28.65 15.19
N GLU B 368 11.10 -29.85 15.30
CA GLU B 368 10.32 -31.07 15.46
C GLU B 368 10.30 -31.48 16.93
N VAL B 369 9.10 -31.71 17.46
CA VAL B 369 8.90 -32.11 18.84
C VAL B 369 8.42 -33.55 18.86
N GLY B 370 9.24 -34.44 19.42
CA GLY B 370 8.88 -35.83 19.53
C GLY B 370 8.76 -36.27 20.98
N PRO B 371 7.96 -37.32 21.22
CA PRO B 371 7.80 -37.81 22.60
C PRO B 371 9.11 -38.27 23.23
N ARG B 372 9.94 -39.00 22.48
CA ARG B 372 11.22 -39.44 23.02
C ARG B 372 12.16 -38.26 23.24
N ASP B 373 12.15 -37.28 22.32
CA ASP B 373 12.97 -36.09 22.49
C ASP B 373 12.54 -35.29 23.73
N MET B 374 11.25 -35.32 24.05
CA MET B 374 10.78 -34.61 25.23
C MET B 374 11.29 -35.27 26.51
N LYS B 375 11.31 -36.61 26.54
CA LYS B 375 11.80 -37.31 27.73
C LYS B 375 13.29 -37.11 27.91
N SER B 376 14.04 -37.03 26.82
CA SER B 376 15.48 -36.80 26.87
C SER B 376 15.84 -35.33 27.00
N CYS B 377 14.85 -34.44 27.15
CA CYS B 377 15.08 -33.00 27.28
C CYS B 377 15.86 -32.46 26.08
N GLN B 378 15.39 -32.81 24.88
CA GLN B 378 16.07 -32.43 23.65
C GLN B 378 15.05 -32.21 22.55
N PHE B 379 15.52 -31.66 21.44
CA PHE B 379 14.72 -31.53 20.23
C PHE B 379 15.66 -31.61 19.03
N VAL B 380 15.09 -31.43 17.84
CA VAL B 380 15.85 -31.52 16.60
C VAL B 380 15.51 -30.33 15.73
N ALA B 381 16.53 -29.62 15.26
CA ALA B 381 16.38 -28.47 14.37
C ALA B 381 16.88 -28.85 12.98
N VAL B 382 16.06 -28.57 11.97
CA VAL B 382 16.36 -28.92 10.59
C VAL B 382 16.56 -27.63 9.80
N ARG B 383 17.73 -27.48 9.20
CA ARG B 383 18.03 -26.30 8.39
C ARG B 383 17.44 -26.47 6.99
N ARG B 384 16.90 -25.38 6.46
CA ARG B 384 16.29 -25.43 5.13
C ARG B 384 17.32 -25.35 4.02
N ASP B 385 18.40 -24.58 4.22
CA ASP B 385 19.38 -24.40 3.16
C ASP B 385 20.27 -25.62 2.98
N THR B 386 20.65 -26.27 4.09
CA THR B 386 21.57 -27.40 4.03
C THR B 386 20.92 -28.74 4.34
N GLY B 387 19.78 -28.75 5.02
CA GLY B 387 19.16 -30.00 5.41
C GLY B 387 19.81 -30.69 6.58
N GLU B 388 20.72 -30.02 7.29
CA GLU B 388 21.44 -30.64 8.40
C GLU B 388 20.50 -30.79 9.59
N LYS B 389 20.11 -32.04 9.87
CA LYS B 389 19.27 -32.33 11.03
C LYS B 389 20.16 -32.39 12.27
N LEU B 390 20.03 -31.38 13.13
CA LEU B 390 20.86 -31.25 14.32
C LEU B 390 20.01 -31.47 15.57
N THR B 391 20.54 -32.26 16.50
CA THR B 391 19.85 -32.57 17.75
C THR B 391 20.31 -31.58 18.83
N VAL B 392 19.41 -30.71 19.24
CA VAL B 392 19.71 -29.70 20.25
C VAL B 392 18.93 -30.03 21.52
N ALA B 393 19.26 -29.33 22.60
CA ALA B 393 18.64 -29.55 23.90
C ALA B 393 17.72 -28.38 24.25
N GLU B 394 16.92 -28.59 25.31
CA GLU B 394 15.97 -27.58 25.73
C GLU B 394 16.68 -26.35 26.31
N ASN B 395 17.88 -26.53 26.86
CA ASN B 395 18.60 -25.42 27.47
C ASN B 395 18.99 -24.38 26.45
N GLU B 396 19.80 -24.75 25.46
CA GLU B 396 20.27 -23.84 24.43
C GLU B 396 19.30 -23.73 23.26
N ALA B 397 18.00 -23.73 23.54
CA ALA B 397 17.02 -23.66 22.47
C ALA B 397 16.93 -22.25 21.88
N GLU B 398 16.97 -21.23 22.74
CA GLU B 398 16.85 -19.86 22.25
C GLU B 398 18.14 -19.36 21.62
N THR B 399 19.29 -19.80 22.11
CA THR B 399 20.57 -19.28 21.61
C THR B 399 20.98 -19.96 20.31
N LYS B 400 20.86 -21.29 20.24
CA LYS B 400 21.36 -22.01 19.07
C LYS B 400 20.45 -21.83 17.87
N LEU B 401 19.14 -21.79 18.08
CA LEU B 401 18.23 -21.46 16.99
C LEU B 401 18.47 -20.04 16.48
N GLN B 402 18.94 -19.15 17.35
CA GLN B 402 19.34 -17.82 16.92
C GLN B 402 20.63 -17.87 16.11
N ALA B 403 21.56 -18.74 16.50
CA ALA B 403 22.82 -18.86 15.78
C ALA B 403 22.64 -19.56 14.44
N ILE B 404 21.71 -20.52 14.35
CA ILE B 404 21.49 -21.20 13.08
C ILE B 404 20.84 -20.28 12.07
N LEU B 405 19.91 -19.43 12.53
CA LEU B 405 19.28 -18.46 11.63
C LEU B 405 20.32 -17.54 10.99
N GLU B 406 21.28 -17.06 11.79
CA GLU B 406 22.33 -16.21 11.24
C GLU B 406 23.27 -16.98 10.34
N ASP B 407 23.49 -18.27 10.63
CA ASP B 407 24.35 -19.08 9.78
C ASP B 407 23.69 -19.38 8.44
N ILE B 408 22.36 -19.47 8.41
CA ILE B 408 21.65 -19.68 7.15
C ILE B 408 21.76 -18.45 6.26
N GLN B 409 21.65 -17.25 6.84
CA GLN B 409 21.75 -16.02 6.05
C GLN B 409 23.12 -15.89 5.41
N VAL B 410 24.18 -16.23 6.15
CA VAL B 410 25.54 -16.11 5.61
C VAL B 410 25.79 -17.19 4.57
N THR B 411 25.30 -18.40 4.81
CA THR B 411 25.53 -19.50 3.88
C THR B 411 24.86 -19.24 2.52
N LEU B 412 23.64 -18.70 2.55
CA LEU B 412 22.95 -18.39 1.30
C LEU B 412 23.69 -17.29 0.54
N PHE B 413 24.19 -16.28 1.25
CA PHE B 413 24.90 -15.19 0.58
C PHE B 413 26.25 -15.66 0.04
N THR B 414 26.95 -16.50 0.80
CA THR B 414 28.26 -16.99 0.35
C THR B 414 28.11 -17.88 -0.87
N ARG B 415 27.08 -18.73 -0.90
CA ARG B 415 26.87 -19.62 -2.03
C ARG B 415 26.54 -18.84 -3.29
N ALA B 416 25.79 -17.75 -3.16
CA ALA B 416 25.43 -16.95 -4.32
C ALA B 416 26.56 -16.02 -4.75
N SER B 417 27.44 -15.64 -3.83
CA SER B 417 28.59 -14.82 -4.19
C SER B 417 29.65 -15.64 -4.91
N GLU B 418 29.85 -16.89 -4.49
CA GLU B 418 30.80 -17.75 -5.17
C GLU B 418 30.35 -18.09 -6.58
N ASP B 419 29.04 -18.23 -6.79
CA ASP B 419 28.52 -18.48 -8.14
C ASP B 419 28.62 -17.23 -9.00
N LEU B 420 28.54 -16.05 -8.41
CA LEU B 420 28.73 -14.81 -9.16
C LEU B 420 30.20 -14.61 -9.51
N LYS B 421 31.09 -14.83 -8.54
CA LYS B 421 32.52 -14.70 -8.77
C LYS B 421 33.07 -15.76 -9.72
N THR B 422 32.26 -16.79 -10.05
CA THR B 422 32.66 -17.83 -10.98
C THR B 422 32.20 -17.55 -12.41
N HIS B 423 31.03 -16.95 -12.58
CA HIS B 423 30.45 -16.75 -13.90
C HIS B 423 30.52 -15.31 -14.38
N MET B 424 31.33 -14.46 -13.73
CA MET B 424 31.57 -13.10 -14.17
C MET B 424 33.07 -12.94 -14.37
N VAL B 425 33.52 -13.02 -15.62
CA VAL B 425 34.93 -12.95 -15.96
C VAL B 425 35.16 -11.79 -16.93
N VAL B 426 36.42 -11.50 -17.18
CA VAL B 426 36.84 -10.40 -18.04
C VAL B 426 37.19 -10.96 -19.42
N ALA B 427 36.82 -10.22 -20.46
CA ALA B 427 37.13 -10.62 -21.83
C ALA B 427 37.60 -9.39 -22.59
N ASN B 428 38.74 -9.52 -23.28
CA ASN B 428 39.32 -8.43 -24.05
C ASN B 428 39.16 -8.62 -25.55
N THR B 429 38.44 -9.66 -25.97
CA THR B 429 38.27 -9.95 -27.39
C THR B 429 36.88 -10.53 -27.60
N MET B 430 36.31 -10.26 -28.78
CA MET B 430 35.03 -10.87 -29.14
C MET B 430 35.17 -12.38 -29.25
N GLU B 431 36.36 -12.87 -29.59
CA GLU B 431 36.63 -14.30 -29.55
C GLU B 431 36.38 -14.85 -28.15
N ASP B 432 36.89 -14.17 -27.13
CA ASP B 432 36.63 -14.58 -25.75
C ASP B 432 35.21 -14.25 -25.34
N PHE B 433 34.68 -13.12 -25.81
CA PHE B 433 33.38 -12.64 -25.33
C PHE B 433 32.25 -13.59 -25.73
N GLN B 434 32.28 -14.09 -26.97
CA GLN B 434 31.23 -15.00 -27.41
C GLN B 434 31.42 -16.42 -26.89
N LYS B 435 32.68 -16.84 -26.69
CA LYS B 435 32.93 -18.20 -26.20
C LYS B 435 32.45 -18.36 -24.76
N ILE B 436 32.87 -17.44 -23.88
CA ILE B 436 32.43 -17.53 -22.49
C ILE B 436 30.96 -17.19 -22.33
N LEU B 437 30.36 -16.56 -23.35
CA LEU B 437 28.92 -16.29 -23.31
C LEU B 437 28.12 -17.58 -23.52
N ASP B 438 28.66 -18.52 -24.28
CA ASP B 438 28.00 -19.82 -24.43
C ASP B 438 28.11 -20.67 -23.17
N SER B 439 29.00 -20.31 -22.26
CA SER B 439 29.16 -21.03 -21.00
C SER B 439 28.09 -20.67 -19.97
N GLY B 440 27.13 -19.82 -20.33
CA GLY B 440 26.16 -19.34 -19.37
C GLY B 440 26.74 -18.35 -18.39
N LYS B 441 27.61 -17.45 -18.86
CA LYS B 441 28.31 -16.50 -18.01
C LYS B 441 28.07 -15.08 -18.51
N ILE B 442 28.49 -14.12 -17.70
CA ILE B 442 28.46 -12.71 -18.04
C ILE B 442 29.89 -12.19 -18.09
N VAL B 443 30.14 -11.25 -19.00
CA VAL B 443 31.49 -10.81 -19.32
C VAL B 443 31.59 -9.30 -19.19
N GLN B 444 32.71 -8.83 -18.64
CA GLN B 444 33.05 -7.41 -18.62
C GLN B 444 34.09 -7.17 -19.72
N ILE B 445 33.71 -6.38 -20.72
CA ILE B 445 34.57 -6.16 -21.89
C ILE B 445 34.86 -4.68 -22.04
N PRO B 446 35.99 -4.29 -22.63
CA PRO B 446 36.23 -2.88 -22.95
C PRO B 446 35.27 -2.41 -24.03
N PHE B 447 34.47 -1.40 -23.71
CA PHE B 447 33.37 -0.96 -24.56
C PHE B 447 33.51 0.52 -24.85
N CYS B 448 33.14 0.92 -26.07
CA CYS B 448 33.20 2.32 -26.46
C CYS B 448 31.97 3.11 -26.01
N GLY B 449 30.89 2.44 -25.66
CA GLY B 449 29.69 3.10 -25.21
C GLY B 449 28.72 3.52 -26.30
N GLU B 450 29.05 3.28 -27.55
CA GLU B 450 28.18 3.71 -28.64
C GLU B 450 26.93 2.84 -28.70
N ILE B 451 25.81 3.47 -29.07
CA ILE B 451 24.55 2.74 -29.19
C ILE B 451 24.59 1.79 -30.39
N ASP B 452 25.14 2.26 -31.51
CA ASP B 452 25.22 1.41 -32.70
C ASP B 452 26.13 0.22 -32.48
N CYS B 453 27.16 0.36 -31.64
CA CYS B 453 28.01 -0.79 -31.34
C CYS B 453 27.33 -1.76 -30.39
N GLU B 454 26.54 -1.25 -29.46
CA GLU B 454 25.78 -2.12 -28.56
C GLU B 454 24.74 -2.93 -29.33
N ASP B 455 24.22 -2.38 -30.42
CA ASP B 455 23.31 -3.14 -31.27
C ASP B 455 24.06 -4.21 -32.05
N TRP B 456 25.27 -3.89 -32.52
CA TRP B 456 26.08 -4.89 -33.23
C TRP B 456 26.50 -6.02 -32.30
N ILE B 457 26.84 -5.70 -31.06
CA ILE B 457 27.19 -6.73 -30.09
C ILE B 457 26.00 -7.66 -29.85
N LYS B 458 24.80 -7.09 -29.70
CA LYS B 458 23.62 -7.92 -29.49
C LYS B 458 23.29 -8.76 -30.72
N LYS B 459 23.63 -8.26 -31.91
CA LYS B 459 23.30 -8.99 -33.14
C LYS B 459 24.24 -10.17 -33.35
N THR B 460 25.54 -9.96 -33.16
CA THR B 460 26.51 -11.01 -33.44
C THR B 460 26.60 -12.06 -32.34
N THR B 461 26.13 -11.75 -31.14
CA THR B 461 26.13 -12.73 -30.06
C THR B 461 24.95 -13.69 -30.12
N ALA B 462 23.95 -13.40 -30.94
CA ALA B 462 22.85 -14.34 -31.15
C ALA B 462 23.13 -15.34 -32.26
N ARG B 463 24.14 -15.09 -33.08
CA ARG B 463 24.50 -16.01 -34.16
C ARG B 463 25.92 -16.52 -33.99
N MET B 474 18.56 -14.86 -27.87
CA MET B 474 19.80 -15.29 -27.22
C MET B 474 20.86 -14.20 -27.29
N GLY B 475 20.49 -13.04 -27.82
CA GLY B 475 21.42 -11.94 -27.94
C GLY B 475 21.76 -11.35 -26.58
N ALA B 476 23.02 -10.97 -26.42
CA ALA B 476 23.50 -10.39 -25.17
C ALA B 476 23.26 -8.88 -25.16
N LYS B 477 22.86 -8.36 -24.01
CA LYS B 477 22.61 -6.95 -23.81
C LYS B 477 23.62 -6.39 -22.82
N SER B 478 23.68 -5.04 -22.76
CA SER B 478 24.51 -4.38 -21.76
C SER B 478 23.78 -4.36 -20.43
N LEU B 479 24.51 -4.69 -19.36
CA LEU B 479 23.93 -4.76 -18.02
C LEU B 479 24.23 -3.50 -17.21
N CYS B 480 25.51 -3.21 -16.99
CA CYS B 480 25.91 -1.98 -16.30
C CYS B 480 27.39 -1.74 -16.54
N ILE B 481 27.79 -0.49 -16.36
CA ILE B 481 29.20 -0.11 -16.35
C ILE B 481 29.65 -0.09 -14.90
N PRO B 482 30.33 -1.14 -14.42
CA PRO B 482 30.58 -1.27 -12.98
C PRO B 482 31.42 -0.12 -12.43
N PHE B 483 31.07 0.31 -11.22
CA PHE B 483 31.89 1.29 -10.53
C PHE B 483 33.24 0.71 -10.15
N LYS B 484 33.26 -0.56 -9.72
CA LYS B 484 34.47 -1.27 -9.35
C LYS B 484 34.64 -2.45 -10.31
N PRO B 485 35.20 -2.21 -11.50
CA PRO B 485 35.33 -3.29 -12.48
C PRO B 485 36.39 -4.30 -12.06
N LEU B 486 36.36 -5.46 -12.71
CA LEU B 486 37.35 -6.50 -12.44
C LEU B 486 38.75 -6.03 -12.76
N CYS B 487 38.90 -5.26 -13.83
CA CYS B 487 40.20 -4.75 -14.25
C CYS B 487 40.09 -3.26 -14.56
N GLU B 488 41.23 -2.59 -14.55
CA GLU B 488 41.29 -1.16 -14.86
C GLU B 488 41.61 -0.98 -16.33
N LEU B 489 40.88 -0.08 -16.99
CA LEU B 489 41.08 0.19 -18.41
C LEU B 489 42.20 1.22 -18.54
N GLN B 490 43.38 0.75 -18.94
CA GLN B 490 44.53 1.61 -19.14
C GLN B 490 44.44 2.31 -20.50
N PRO B 491 45.11 3.45 -20.66
CA PRO B 491 45.08 4.14 -21.94
C PRO B 491 45.63 3.28 -23.06
N GLY B 492 45.11 3.53 -24.28
CA GLY B 492 45.51 2.78 -25.45
C GLY B 492 44.66 1.55 -25.74
N ALA B 493 43.71 1.22 -24.87
CA ALA B 493 42.84 0.08 -25.06
C ALA B 493 41.65 0.46 -25.93
N LYS B 494 41.45 -0.29 -27.01
CA LYS B 494 40.34 -0.03 -27.92
C LYS B 494 39.14 -0.91 -27.54
N CYS B 495 37.99 -0.58 -28.13
CA CYS B 495 36.77 -1.32 -27.85
C CYS B 495 36.82 -2.70 -28.50
N VAL B 496 35.86 -3.55 -28.11
CA VAL B 496 35.76 -4.88 -28.69
C VAL B 496 35.42 -4.82 -30.17
N CYS B 497 34.81 -3.72 -30.62
CA CYS B 497 34.52 -3.56 -32.04
C CYS B 497 35.78 -3.24 -32.82
N GLY B 498 36.58 -2.28 -32.33
CA GLY B 498 37.81 -1.88 -32.99
C GLY B 498 37.73 -0.59 -33.76
N LYS B 499 36.57 0.06 -33.82
CA LYS B 499 36.39 1.30 -34.58
C LYS B 499 36.53 2.55 -33.73
N ASN B 500 36.42 2.44 -32.41
CA ASN B 500 36.47 3.57 -31.51
C ASN B 500 37.23 3.16 -30.25
N PRO B 501 37.79 4.12 -29.53
CA PRO B 501 38.45 3.80 -28.26
C PRO B 501 37.46 3.34 -27.21
N ALA B 502 37.92 2.45 -26.33
CA ALA B 502 37.12 1.99 -25.21
C ALA B 502 37.28 2.94 -24.03
N LYS B 503 36.15 3.25 -23.37
CA LYS B 503 36.16 4.21 -22.29
C LYS B 503 35.95 3.60 -20.92
N TYR B 504 35.47 2.36 -20.83
CA TYR B 504 35.23 1.71 -19.56
C TYR B 504 34.93 0.24 -19.80
N TYR B 505 35.20 -0.58 -18.78
CA TYR B 505 34.74 -1.96 -18.79
C TYR B 505 33.24 -2.00 -18.58
N THR B 506 32.53 -2.75 -19.42
CA THR B 506 31.08 -2.83 -19.38
C THR B 506 30.66 -4.29 -19.23
N LEU B 507 29.83 -4.56 -18.24
CA LEU B 507 29.33 -5.91 -18.00
C LEU B 507 28.23 -6.24 -19.01
N PHE B 508 28.47 -7.25 -19.81
CA PHE B 508 27.51 -7.71 -20.80
C PHE B 508 27.00 -9.10 -20.41
N GLY B 509 26.08 -9.61 -21.21
CA GLY B 509 25.50 -10.93 -20.99
C GLY B 509 24.03 -10.91 -21.31
N ARG B 510 23.46 -12.12 -21.43
CA ARG B 510 22.03 -12.26 -21.68
C ARG B 510 21.23 -11.84 -20.45
N SER B 511 20.12 -11.15 -20.68
CA SER B 511 19.35 -10.56 -19.60
C SER B 511 17.87 -10.90 -19.78
N TYR B 512 17.11 -10.65 -18.71
CA TYR B 512 15.66 -10.85 -18.73
C TYR B 512 14.96 -9.64 -19.34
#